data_8J9T
#
_entry.id   8J9T
#
_cell.length_a   154.781
_cell.length_b   154.781
_cell.length_c   108.258
_cell.angle_alpha   90.000
_cell.angle_beta   90.000
_cell.angle_gamma   120.000
#
_symmetry.space_group_name_H-M   'P 61'
#
loop_
_entity.id
_entity.type
_entity.pdbx_description
1 polymer 'DNA gyrase subunit A'
2 non-polymer 'CARBONATE ION'
3 water water
#
_entity_poly.entity_id   1
_entity_poly.type   'polypeptide(L)'
_entity_poly.pdbx_seq_one_letter_code
;ALPDVRDGLKPVHRRVLYAMNVLGNDWNKAYKKSARVVGDVIGKYHPHGDSAVYDTIVRMAQPFSLRYMLVDGQGNFGSI
DGDSAAAMRYTEIRLAKIAHGLMADLEKETVDFVDNYDGTEKIPDVMPTKIPNLLVNGSSGIAVGMATNIPPHNLTEVIN
GCLAYIDNEDISIEGLMEHIPGPDFPTAAIINGRRGIEEAYRTGRGKVYIRARAEVEADAKTGRETIIVHEIPYQVNKAR
LIEKIAELVKDKRVEGISALRDESDKDGMRIVIEVKRDAVGEVVLNNLYSQTQLQVSFGINMVALHHGQPKIMNLKDIIS
AFVRHRREVVTRRTIFELRKARDRAHILEALAIALANIDPIIELIRRAPTPAEAKAALISRPWDLGNVAAMLERAGDDAA
RPEWLEPEFGVRDGQYYLTEQQAQAILDLRLQKLTGLEHEKLLDEYKELLEQIAELLHILGSADRLMEVIREEMELIRDQ
FGDERRTEITAEL
;
_entity_poly.pdbx_strand_id   A,B
#
loop_
_chem_comp.id
_chem_comp.type
_chem_comp.name
_chem_comp.formula
CO3 non-polymer 'CARBONATE ION' 'C O3 -2'
#
# COMPACT_ATOMS: atom_id res chain seq x y z
N ALA A 1 23.95 5.98 11.01
CA ALA A 1 24.91 4.95 10.60
C ALA A 1 25.42 4.18 11.81
N LEU A 2 24.93 4.54 13.00
CA LEU A 2 25.20 3.74 14.18
C LEU A 2 23.92 3.14 14.73
N PRO A 3 23.94 1.92 15.22
CA PRO A 3 22.73 1.30 15.74
C PRO A 3 22.38 1.82 17.12
N ASP A 4 21.09 1.77 17.42
CA ASP A 4 20.64 2.06 18.77
C ASP A 4 20.96 0.87 19.67
N VAL A 5 21.44 1.15 20.88
CA VAL A 5 21.86 0.07 21.77
C VAL A 5 20.67 -0.76 22.21
N ARG A 6 19.47 -0.18 22.22
CA ARG A 6 18.32 -0.85 22.80
C ARG A 6 17.75 -1.95 21.89
N ASP A 7 17.65 -1.69 20.59
CA ASP A 7 17.16 -2.70 19.66
C ASP A 7 18.17 -3.12 18.61
N GLY A 8 19.35 -2.48 18.54
CA GLY A 8 20.36 -2.89 17.60
C GLY A 8 20.09 -2.53 16.16
N LEU A 9 19.19 -1.58 15.91
CA LEU A 9 18.73 -1.27 14.57
C LEU A 9 19.12 0.16 14.18
N LYS A 10 19.12 0.39 12.88
CA LYS A 10 19.19 1.71 12.27
C LYS A 10 17.86 2.05 11.63
N PRO A 11 17.62 3.33 11.31
CA PRO A 11 16.33 3.70 10.70
C PRO A 11 15.92 2.84 9.53
N VAL A 12 16.86 2.46 8.67
CA VAL A 12 16.51 1.72 7.46
C VAL A 12 16.00 0.32 7.82
N HIS A 13 16.56 -0.30 8.86
CA HIS A 13 16.03 -1.57 9.33
C HIS A 13 14.60 -1.42 9.84
N ARG A 14 14.35 -0.34 10.59
CA ARG A 14 13.05 -0.18 11.22
C ARG A 14 11.95 0.10 10.19
N ARG A 15 12.32 0.75 9.08
CA ARG A 15 11.32 1.01 8.04
C ARG A 15 10.86 -0.28 7.40
N VAL A 16 11.78 -1.19 7.11
CA VAL A 16 11.42 -2.46 6.48
C VAL A 16 10.53 -3.28 7.41
N LEU A 17 10.95 -3.44 8.65
CA LEU A 17 10.24 -4.32 9.57
C LEU A 17 8.88 -3.75 9.96
N TYR A 18 8.78 -2.43 10.15
CA TYR A 18 7.49 -1.82 10.45
C TYR A 18 6.55 -1.94 9.26
N ALA A 19 7.05 -1.64 8.06
CA ALA A 19 6.24 -1.79 6.86
C ALA A 19 5.69 -3.21 6.74
N MET A 20 6.54 -4.19 6.98
CA MET A 20 6.10 -5.59 6.96
C MET A 20 5.06 -5.84 8.06
N ASN A 21 5.23 -5.18 9.21
CA ASN A 21 4.30 -5.34 10.31
C ASN A 21 2.92 -4.80 9.94
N VAL A 22 2.88 -3.60 9.37
CA VAL A 22 1.62 -2.97 9.01
C VAL A 22 0.94 -3.69 7.86
N LEU A 23 1.71 -4.34 6.98
CA LEU A 23 1.11 -5.13 5.91
C LEU A 23 0.58 -6.48 6.37
N GLY A 24 0.78 -6.84 7.64
CA GLY A 24 0.35 -8.15 8.09
C GLY A 24 1.19 -9.28 7.54
N ASN A 25 2.47 -9.02 7.29
CA ASN A 25 3.36 -9.96 6.60
C ASN A 25 3.98 -10.92 7.61
N ASP A 26 3.11 -11.69 8.27
CA ASP A 26 3.43 -12.41 9.49
C ASP A 26 4.13 -13.75 9.20
N TRP A 27 4.83 -14.24 10.23
CA TRP A 27 5.61 -15.47 10.11
C TRP A 27 4.76 -16.68 9.77
N ASN A 28 3.48 -16.68 10.18
CA ASN A 28 2.62 -17.82 9.95
C ASN A 28 1.61 -17.57 8.84
N LYS A 29 1.85 -16.58 7.99
CA LYS A 29 1.01 -16.30 6.84
C LYS A 29 1.82 -16.46 5.56
N ALA A 30 1.11 -16.42 4.42
CA ALA A 30 1.75 -16.69 3.14
C ALA A 30 2.81 -15.63 2.83
N TYR A 31 3.85 -16.06 2.13
CA TYR A 31 4.89 -15.14 1.68
C TYR A 31 4.31 -14.07 0.76
N LYS A 32 5.01 -12.94 0.70
CA LYS A 32 4.73 -11.89 -0.26
C LYS A 32 5.98 -11.64 -1.08
N LYS A 33 5.79 -11.09 -2.27
CA LYS A 33 6.93 -10.71 -3.11
C LYS A 33 7.67 -9.54 -2.46
N SER A 34 9.00 -9.62 -2.45
CA SER A 34 9.85 -8.58 -1.88
C SER A 34 9.46 -7.21 -2.41
N ALA A 35 9.07 -7.17 -3.70
CA ALA A 35 8.71 -5.91 -4.33
C ALA A 35 7.48 -5.28 -3.69
N ARG A 36 6.59 -6.09 -3.13
CA ARG A 36 5.45 -5.54 -2.39
C ARG A 36 5.94 -4.72 -1.20
N VAL A 37 6.88 -5.27 -0.42
CA VAL A 37 7.40 -4.57 0.75
C VAL A 37 8.26 -3.39 0.33
N VAL A 38 9.10 -3.59 -0.70
CA VAL A 38 9.97 -2.52 -1.17
C VAL A 38 9.15 -1.29 -1.57
N GLY A 39 8.02 -1.52 -2.24
CA GLY A 39 7.21 -0.41 -2.71
C GLY A 39 6.54 0.35 -1.59
N ASP A 40 6.10 -0.35 -0.53
CA ASP A 40 5.56 0.33 0.63
C ASP A 40 6.60 1.21 1.30
N VAL A 41 7.84 0.73 1.38
CA VAL A 41 8.91 1.50 2.02
C VAL A 41 9.23 2.74 1.19
N ILE A 42 9.28 2.60 -0.13
CA ILE A 42 9.55 3.74 -1.00
C ILE A 42 8.42 4.77 -0.87
N GLY A 43 7.18 4.32 -0.92
CA GLY A 43 6.06 5.24 -0.90
C GLY A 43 5.91 5.98 0.41
N LYS A 44 6.23 5.33 1.52
CA LYS A 44 5.94 5.89 2.83
C LYS A 44 7.17 6.39 3.57
N TYR A 45 8.33 5.78 3.38
CA TYR A 45 9.43 6.13 4.28
C TYR A 45 10.72 6.54 3.58
N HIS A 46 11.03 5.95 2.42
CA HIS A 46 12.28 6.21 1.70
C HIS A 46 11.97 6.45 0.24
N PRO A 47 11.60 7.67 -0.13
CA PRO A 47 11.07 7.95 -1.47
C PRO A 47 12.15 8.19 -2.52
N HIS A 48 13.01 7.18 -2.71
CA HIS A 48 14.05 7.22 -3.73
C HIS A 48 14.05 5.93 -4.53
N GLY A 49 14.64 6.02 -5.72
CA GLY A 49 14.72 4.89 -6.63
C GLY A 49 16.01 4.11 -6.48
N ASP A 50 16.55 4.02 -5.27
CA ASP A 50 17.80 3.31 -5.05
C ASP A 50 17.48 1.86 -4.70
N SER A 51 18.54 1.08 -4.44
CA SER A 51 18.41 -0.31 -4.05
C SER A 51 18.66 -0.56 -2.56
N ALA A 52 18.77 0.48 -1.74
CA ALA A 52 19.18 0.27 -0.35
C ALA A 52 18.15 -0.54 0.42
N VAL A 53 16.87 -0.34 0.12
CA VAL A 53 15.82 -1.06 0.83
C VAL A 53 15.95 -2.56 0.60
N TYR A 54 16.07 -2.98 -0.66
CA TYR A 54 16.13 -4.40 -0.95
C TYR A 54 17.40 -5.03 -0.40
N ASP A 55 18.52 -4.31 -0.46
CA ASP A 55 19.76 -4.80 0.13
C ASP A 55 19.59 -5.06 1.63
N THR A 56 18.82 -4.19 2.30
CA THR A 56 18.58 -4.37 3.73
C THR A 56 17.72 -5.61 3.98
N ILE A 57 16.72 -5.84 3.13
CA ILE A 57 15.90 -7.04 3.24
C ILE A 57 16.76 -8.28 3.02
N VAL A 58 17.69 -8.20 2.07
CA VAL A 58 18.42 -9.40 1.66
C VAL A 58 19.37 -9.86 2.76
N ARG A 59 20.10 -8.92 3.37
CA ARG A 59 20.99 -9.30 4.47
C ARG A 59 20.20 -9.87 5.64
N MET A 60 19.02 -9.28 5.92
CA MET A 60 18.20 -9.73 7.03
C MET A 60 17.70 -11.16 6.86
N ALA A 61 17.78 -11.70 5.64
CA ALA A 61 17.29 -13.04 5.36
C ALA A 61 18.40 -14.06 5.16
N GLN A 62 19.67 -13.65 5.27
CA GLN A 62 20.77 -14.55 4.95
C GLN A 62 21.22 -15.30 6.20
N PRO A 63 21.14 -16.62 6.23
CA PRO A 63 21.63 -17.37 7.39
C PRO A 63 23.14 -17.27 7.58
N PHE A 64 23.88 -16.94 6.52
CA PHE A 64 25.32 -16.78 6.69
C PHE A 64 25.71 -15.39 7.15
N SER A 65 24.75 -14.47 7.26
CA SER A 65 25.00 -13.11 7.74
C SER A 65 24.45 -12.87 9.13
N LEU A 66 23.20 -13.24 9.40
CA LEU A 66 22.58 -13.01 10.69
C LEU A 66 22.55 -14.30 11.52
N ARG A 67 22.94 -14.18 12.79
CA ARG A 67 22.87 -15.32 13.69
C ARG A 67 21.44 -15.74 13.99
N TYR A 68 20.51 -14.77 13.98
CA TYR A 68 19.09 -15.05 14.11
C TYR A 68 18.37 -14.20 13.07
N MET A 69 18.03 -14.82 11.94
CA MET A 69 17.45 -14.11 10.82
C MET A 69 16.17 -13.40 11.24
N LEU A 70 16.05 -12.15 10.81
CA LEU A 70 14.84 -11.37 11.07
C LEU A 70 13.84 -11.46 9.92
N VAL A 71 14.26 -11.89 8.74
CA VAL A 71 13.39 -12.09 7.60
C VAL A 71 13.44 -13.55 7.20
N ASP A 72 12.27 -14.13 6.96
CA ASP A 72 12.13 -15.48 6.44
C ASP A 72 11.95 -15.37 4.92
N GLY A 73 13.00 -15.72 4.19
CA GLY A 73 13.04 -15.54 2.74
C GLY A 73 12.88 -16.85 1.98
N GLN A 74 12.32 -16.75 0.78
CA GLN A 74 12.13 -17.90 -0.09
C GLN A 74 12.56 -17.52 -1.51
N GLY A 75 13.54 -18.25 -2.03
CA GLY A 75 14.12 -17.92 -3.32
C GLY A 75 15.61 -17.71 -3.23
N ASN A 76 16.19 -17.09 -4.26
CA ASN A 76 17.64 -16.89 -4.33
C ASN A 76 17.99 -15.59 -3.62
N PHE A 77 18.52 -15.72 -2.40
CA PHE A 77 18.97 -14.57 -1.63
C PHE A 77 20.50 -14.49 -1.56
N GLY A 78 21.20 -15.00 -2.56
CA GLY A 78 22.64 -14.92 -2.58
C GLY A 78 23.28 -16.06 -1.84
N SER A 79 24.61 -15.98 -1.73
CA SER A 79 25.36 -17.12 -1.21
C SER A 79 26.67 -16.66 -0.59
N ILE A 80 27.28 -17.60 0.13
CA ILE A 80 28.60 -17.44 0.73
C ILE A 80 29.69 -17.23 -0.32
N ASP A 81 29.41 -17.57 -1.58
CA ASP A 81 30.35 -17.35 -2.66
C ASP A 81 30.23 -15.98 -3.29
N GLY A 82 29.37 -15.12 -2.76
CA GLY A 82 29.18 -13.80 -3.33
C GLY A 82 28.17 -13.71 -4.45
N ASP A 83 27.42 -14.78 -4.72
CA ASP A 83 26.34 -14.69 -5.69
C ASP A 83 25.30 -13.68 -5.22
N SER A 84 24.73 -12.94 -6.17
CA SER A 84 23.76 -11.92 -5.83
C SER A 84 22.39 -12.53 -5.61
N ALA A 85 21.57 -11.84 -4.82
CA ALA A 85 20.16 -12.17 -4.73
C ALA A 85 19.49 -11.89 -6.07
N ALA A 86 18.49 -12.71 -6.41
CA ALA A 86 17.67 -12.40 -7.57
C ALA A 86 16.92 -11.09 -7.36
N ALA A 87 16.35 -10.57 -8.43
CA ALA A 87 15.63 -9.30 -8.34
C ALA A 87 14.39 -9.43 -7.46
N MET A 88 13.89 -8.29 -7.00
CA MET A 88 12.83 -8.28 -5.98
C MET A 88 11.50 -8.83 -6.49
N ARG A 89 11.30 -8.89 -7.81
CA ARG A 89 10.08 -9.50 -8.33
C ARG A 89 10.16 -11.02 -8.36
N TYR A 90 11.28 -11.60 -7.91
CA TYR A 90 11.47 -13.04 -7.95
C TYR A 90 11.62 -13.70 -6.58
N THR A 91 11.82 -12.93 -5.52
CA THR A 91 11.99 -13.46 -4.18
C THR A 91 10.74 -13.19 -3.34
N GLU A 92 10.59 -13.99 -2.29
CA GLU A 92 9.44 -13.89 -1.39
C GLU A 92 9.92 -13.82 0.05
N ILE A 93 9.22 -13.04 0.87
CA ILE A 93 9.62 -12.82 2.26
C ILE A 93 8.38 -12.78 3.17
N ARG A 94 8.66 -12.85 4.46
CA ARG A 94 7.71 -12.61 5.54
C ARG A 94 8.55 -12.49 6.81
N LEU A 95 7.93 -11.94 7.86
CA LEU A 95 8.67 -11.75 9.10
C LEU A 95 9.11 -13.08 9.68
N ALA A 96 10.31 -13.12 10.22
CA ALA A 96 10.71 -14.27 11.03
C ALA A 96 9.98 -14.23 12.37
N LYS A 97 9.79 -15.42 12.96
CA LYS A 97 9.07 -15.50 14.22
C LYS A 97 9.71 -14.63 15.29
N ILE A 98 11.04 -14.59 15.32
CA ILE A 98 11.75 -13.79 16.31
C ILE A 98 11.57 -12.29 16.04
N ALA A 99 11.31 -11.90 14.79
CA ALA A 99 11.07 -10.49 14.53
C ALA A 99 9.77 -10.01 15.17
N HIS A 100 8.82 -10.93 15.42
CA HIS A 100 7.60 -10.55 16.12
C HIS A 100 7.88 -10.23 17.59
N GLY A 101 8.88 -10.90 18.17
CA GLY A 101 9.33 -10.50 19.50
C GLY A 101 10.05 -9.18 19.48
N LEU A 102 10.63 -8.80 18.34
CA LEU A 102 11.28 -7.50 18.21
C LEU A 102 10.27 -6.37 18.30
N MET A 103 9.06 -6.60 17.80
CA MET A 103 8.04 -5.57 17.66
C MET A 103 6.84 -5.83 18.57
N ALA A 104 7.07 -6.57 19.64
CA ALA A 104 5.99 -6.93 20.56
C ALA A 104 5.50 -5.69 21.30
N ASP A 105 4.17 -5.49 21.28
CA ASP A 105 3.52 -4.37 21.97
C ASP A 105 3.91 -3.03 21.35
N LEU A 106 3.92 -2.98 20.02
CA LEU A 106 4.08 -1.74 19.29
C LEU A 106 2.80 -0.93 19.24
N GLU A 107 1.65 -1.59 19.41
CA GLU A 107 0.33 -0.98 19.36
C GLU A 107 -0.15 -0.48 20.71
N LYS A 108 0.72 -0.50 21.73
CA LYS A 108 0.32 -0.17 23.09
C LYS A 108 1.09 1.02 23.64
N GLU A 109 1.47 1.94 22.76
CA GLU A 109 2.10 3.20 23.14
C GLU A 109 3.32 2.96 24.03
N THR A 110 4.13 1.97 23.63
CA THR A 110 5.31 1.56 24.35
C THR A 110 6.58 2.27 23.88
N VAL A 111 6.57 2.83 22.67
CA VAL A 111 7.70 3.57 22.12
C VAL A 111 7.18 4.81 21.42
N ASP A 112 8.06 5.80 21.31
CA ASP A 112 7.72 7.02 20.57
C ASP A 112 7.75 6.77 19.07
N PHE A 113 6.86 7.46 18.35
CA PHE A 113 6.83 7.46 16.89
C PHE A 113 7.25 8.83 16.37
N VAL A 114 7.85 8.86 15.17
CA VAL A 114 8.17 10.11 14.49
C VAL A 114 7.47 10.15 13.14
N ASP A 115 7.42 11.35 12.57
CA ASP A 115 6.77 11.58 11.30
C ASP A 115 7.62 11.09 10.14
N ASN A 116 6.97 10.74 9.04
CA ASN A 116 7.67 10.38 7.82
C ASN A 116 7.97 11.65 7.02
N TYR A 117 8.40 11.48 5.76
CA TYR A 117 8.93 12.61 5.01
C TYR A 117 7.85 13.64 4.67
N ASP A 118 6.59 13.22 4.54
CA ASP A 118 5.53 14.15 4.16
C ASP A 118 4.48 14.35 5.24
N GLY A 119 4.70 13.83 6.44
CA GLY A 119 3.77 14.06 7.54
C GLY A 119 2.46 13.31 7.47
N THR A 120 2.33 12.32 6.59
CA THR A 120 1.11 11.53 6.50
C THR A 120 1.25 10.14 7.11
N GLU A 121 2.44 9.79 7.61
CA GLU A 121 2.66 8.47 8.18
C GLU A 121 3.60 8.59 9.39
N LYS A 122 3.50 7.61 10.28
CA LYS A 122 4.33 7.52 11.48
C LYS A 122 5.24 6.31 11.40
N ILE A 123 6.35 6.37 12.13
CA ILE A 123 7.36 5.32 12.13
C ILE A 123 7.97 5.24 13.53
N PRO A 124 8.17 4.06 14.09
CA PRO A 124 8.74 3.97 15.45
C PRO A 124 10.17 4.49 15.51
N ASP A 125 10.47 5.20 16.61
CA ASP A 125 11.80 5.70 16.87
C ASP A 125 12.74 4.60 17.36
N VAL A 126 12.18 3.59 18.05
CA VAL A 126 12.93 2.43 18.51
C VAL A 126 11.92 1.30 18.67
N MET A 127 12.40 0.06 18.60
CA MET A 127 11.45 -1.06 18.71
C MET A 127 11.28 -1.47 20.17
N PRO A 128 10.08 -1.90 20.58
CA PRO A 128 9.85 -2.40 21.94
C PRO A 128 10.33 -3.84 22.14
N THR A 129 11.59 -4.10 21.80
CA THR A 129 12.07 -5.45 21.62
C THR A 129 12.19 -6.22 22.92
N LYS A 130 11.73 -7.47 22.90
CA LYS A 130 12.00 -8.44 23.95
C LYS A 130 13.31 -9.18 23.71
N ILE A 131 13.94 -8.95 22.58
CA ILE A 131 15.12 -9.70 22.15
C ILE A 131 16.34 -8.80 22.25
N PRO A 132 17.36 -9.17 23.00
CA PRO A 132 18.58 -8.35 23.03
C PRO A 132 19.32 -8.40 21.70
N ASN A 133 18.80 -7.68 20.70
CA ASN A 133 19.19 -7.91 19.32
C ASN A 133 20.57 -7.36 18.98
N LEU A 134 21.04 -6.35 19.70
CA LEU A 134 22.36 -5.78 19.41
C LEU A 134 23.46 -6.81 19.65
N LEU A 135 23.45 -7.44 20.83
CA LEU A 135 24.46 -8.44 21.14
C LEU A 135 24.30 -9.68 20.27
N VAL A 136 23.06 -10.07 19.99
CA VAL A 136 22.80 -11.40 19.45
C VAL A 136 23.07 -11.45 17.95
N ASN A 137 22.73 -10.39 17.21
CA ASN A 137 22.95 -10.33 15.77
C ASN A 137 24.12 -9.44 15.38
N GLY A 138 24.62 -8.63 16.30
CA GLY A 138 25.80 -7.84 16.04
C GLY A 138 25.55 -6.62 15.18
N SER A 139 26.65 -5.97 14.81
CA SER A 139 26.64 -4.80 13.95
C SER A 139 28.02 -4.59 13.37
N SER A 140 28.10 -4.44 12.06
CA SER A 140 29.38 -4.19 11.39
C SER A 140 29.22 -3.13 10.31
N ALA A 147 32.42 4.34 13.45
CA ALA A 147 32.48 2.92 13.13
C ALA A 147 32.24 2.05 14.35
N THR A 148 31.71 0.85 14.11
CA THR A 148 31.42 -0.11 15.17
C THR A 148 31.64 -1.51 14.61
N ASN A 149 32.03 -2.44 15.50
CA ASN A 149 32.24 -3.83 15.08
C ASN A 149 31.90 -4.72 16.29
N ILE A 150 30.61 -4.97 16.45
CA ILE A 150 30.10 -5.87 17.49
C ILE A 150 29.80 -7.21 16.86
N PRO A 151 30.30 -8.31 17.40
CA PRO A 151 30.06 -9.62 16.80
C PRO A 151 28.78 -10.24 17.34
N PRO A 152 28.22 -11.22 16.64
CA PRO A 152 27.01 -11.88 17.14
C PRO A 152 27.30 -12.79 18.34
N HIS A 153 26.22 -13.13 19.04
CA HIS A 153 26.29 -13.91 20.26
C HIS A 153 25.16 -14.94 20.28
N ASN A 154 25.30 -15.94 21.16
CA ASN A 154 24.28 -16.97 21.33
C ASN A 154 23.17 -16.46 22.22
N LEU A 155 21.92 -16.66 21.79
CA LEU A 155 20.80 -16.03 22.47
C LEU A 155 20.57 -16.62 23.86
N THR A 156 20.75 -17.94 24.02
CA THR A 156 20.60 -18.55 25.33
C THR A 156 21.59 -17.94 26.33
N GLU A 157 22.85 -17.81 25.92
CA GLU A 157 23.87 -17.30 26.82
C GLU A 157 23.58 -15.87 27.23
N VAL A 158 23.05 -15.06 26.32
CA VAL A 158 22.83 -13.65 26.61
C VAL A 158 21.63 -13.46 27.52
N ILE A 159 20.55 -14.23 27.30
CA ILE A 159 19.40 -14.19 28.20
C ILE A 159 19.82 -14.56 29.62
N ASN A 160 20.64 -15.61 29.75
CA ASN A 160 21.13 -15.99 31.07
C ASN A 160 21.97 -14.89 31.71
N GLY A 161 22.78 -14.21 30.91
CA GLY A 161 23.51 -13.05 31.43
C GLY A 161 22.58 -11.93 31.86
N CYS A 162 21.51 -11.71 31.10
CA CYS A 162 20.52 -10.70 31.47
C CYS A 162 19.85 -11.06 32.79
N LEU A 163 19.45 -12.32 32.93
CA LEU A 163 18.84 -12.78 34.18
C LEU A 163 19.80 -12.60 35.35
N ALA A 164 21.09 -12.89 35.13
CA ALA A 164 22.08 -12.72 36.19
C ALA A 164 22.20 -11.25 36.60
N TYR A 165 22.10 -10.34 35.65
CA TYR A 165 22.18 -8.92 35.96
C TYR A 165 20.93 -8.47 36.72
N ILE A 166 19.76 -8.98 36.32
CA ILE A 166 18.52 -8.63 37.01
C ILE A 166 18.58 -9.05 38.48
N ASP A 167 19.24 -10.18 38.75
CA ASP A 167 19.36 -10.67 40.12
C ASP A 167 20.49 -10.03 40.90
N ASN A 168 21.40 -9.31 40.24
CA ASN A 168 22.54 -8.69 40.94
C ASN A 168 23.09 -7.58 40.04
N GLU A 169 22.61 -6.36 40.25
CA GLU A 169 23.08 -5.22 39.48
C GLU A 169 24.56 -4.94 39.69
N ASP A 170 25.14 -5.41 40.78
CA ASP A 170 26.56 -5.24 41.05
C ASP A 170 27.40 -6.38 40.50
N ILE A 171 26.84 -7.19 39.59
CA ILE A 171 27.61 -8.23 38.93
C ILE A 171 28.83 -7.61 38.25
N SER A 172 29.90 -8.38 38.17
CA SER A 172 31.11 -7.96 37.48
C SER A 172 31.18 -8.57 36.09
N ILE A 173 32.09 -8.03 35.27
CA ILE A 173 32.30 -8.56 33.93
C ILE A 173 32.60 -10.05 33.99
N GLU A 174 33.42 -10.47 34.96
CA GLU A 174 33.75 -11.89 35.11
C GLU A 174 32.52 -12.70 35.48
N GLY A 175 31.60 -12.10 36.25
CA GLY A 175 30.36 -12.79 36.57
C GLY A 175 29.45 -12.97 35.36
N LEU A 176 29.50 -12.03 34.43
CA LEU A 176 28.71 -12.15 33.21
C LEU A 176 29.31 -13.16 32.25
N MET A 177 30.64 -13.27 32.21
CA MET A 177 31.30 -14.20 31.31
C MET A 177 31.18 -15.64 31.78
N GLU A 178 30.67 -15.88 32.98
CA GLU A 178 30.27 -17.23 33.35
C GLU A 178 29.07 -17.68 32.52
N HIS A 179 28.25 -16.73 32.06
CA HIS A 179 27.14 -17.03 31.17
C HIS A 179 27.43 -16.68 29.72
N ILE A 180 28.33 -15.73 29.47
CA ILE A 180 28.64 -15.29 28.10
C ILE A 180 30.14 -15.45 27.86
N PRO A 181 30.62 -16.62 27.45
CA PRO A 181 32.06 -16.80 27.28
C PRO A 181 32.64 -16.04 26.10
N GLY A 182 31.84 -15.65 25.12
CA GLY A 182 32.33 -14.95 23.97
C GLY A 182 31.37 -14.96 22.81
N PRO A 183 31.83 -14.51 21.64
CA PRO A 183 30.95 -14.46 20.47
C PRO A 183 30.55 -15.85 20.00
N ASP A 184 29.50 -15.88 19.18
CA ASP A 184 29.01 -17.12 18.59
C ASP A 184 28.50 -16.77 17.19
N PHE A 185 29.28 -17.17 16.16
CA PHE A 185 29.05 -16.75 14.78
C PHE A 185 28.08 -17.70 14.07
N PRO A 186 27.29 -17.18 13.15
CA PRO A 186 26.39 -18.07 12.39
C PRO A 186 27.15 -19.11 11.60
N THR A 187 28.38 -18.79 11.21
CA THR A 187 29.22 -19.64 10.39
C THR A 187 30.14 -20.53 11.22
N ALA A 188 29.87 -20.65 12.52
CA ALA A 188 30.60 -21.55 13.41
C ALA A 188 32.10 -21.24 13.47
N ALA A 189 32.92 -22.27 13.22
CA ALA A 189 34.38 -22.20 13.29
C ALA A 189 34.89 -22.07 14.72
N ILE A 190 36.09 -21.50 14.90
CA ILE A 190 36.84 -21.59 16.15
C ILE A 190 37.42 -20.24 16.50
N ILE A 191 37.31 -19.85 17.76
CA ILE A 191 38.06 -18.73 18.32
C ILE A 191 39.26 -19.27 19.09
N ASN A 192 40.46 -18.80 18.73
CA ASN A 192 41.70 -19.19 19.39
C ASN A 192 41.99 -18.20 20.51
N GLY A 193 41.69 -18.57 21.75
CA GLY A 193 42.16 -17.76 22.85
C GLY A 193 41.09 -16.84 23.43
N ARG A 194 41.13 -16.67 24.75
CA ARG A 194 40.14 -15.89 25.48
C ARG A 194 40.62 -14.48 25.85
N ARG A 195 41.90 -14.16 25.64
CA ARG A 195 42.43 -12.90 26.15
C ARG A 195 41.76 -11.69 25.50
N GLY A 196 41.59 -11.73 24.17
CA GLY A 196 40.96 -10.62 23.49
C GLY A 196 39.50 -10.46 23.83
N ILE A 197 38.83 -11.56 24.21
CA ILE A 197 37.42 -11.49 24.57
C ILE A 197 37.24 -10.74 25.88
N GLU A 198 38.01 -11.11 26.90
CA GLU A 198 37.91 -10.45 28.20
C GLU A 198 38.18 -8.96 28.08
N GLU A 199 39.19 -8.59 27.30
CA GLU A 199 39.51 -7.16 27.12
C GLU A 199 38.36 -6.42 26.45
N ALA A 200 37.72 -7.03 25.46
CA ALA A 200 36.66 -6.33 24.74
C ALA A 200 35.40 -6.21 25.58
N TYR A 201 35.08 -7.24 26.37
CA TYR A 201 33.92 -7.15 27.26
C TYR A 201 34.17 -6.22 28.44
N ARG A 202 35.43 -5.94 28.77
CA ARG A 202 35.79 -5.08 29.88
C ARG A 202 35.91 -3.62 29.47
N THR A 203 36.49 -3.36 28.30
CA THR A 203 36.73 -2.01 27.83
C THR A 203 35.89 -1.61 26.62
N GLY A 204 35.25 -2.55 25.94
CA GLY A 204 34.63 -2.30 24.68
C GLY A 204 35.52 -2.54 23.48
N ARG A 205 36.81 -2.85 23.70
CA ARG A 205 37.75 -2.99 22.60
C ARG A 205 38.70 -4.14 22.86
N GLY A 206 38.89 -4.97 21.84
CA GLY A 206 39.80 -6.10 21.92
C GLY A 206 39.83 -6.82 20.59
N LYS A 207 40.87 -7.62 20.39
CA LYS A 207 41.08 -8.36 19.17
C LYS A 207 41.01 -9.85 19.42
N VAL A 208 40.24 -10.57 18.59
CA VAL A 208 40.15 -12.02 18.66
C VAL A 208 40.55 -12.61 17.32
N TYR A 209 40.98 -13.86 17.36
CA TYR A 209 41.38 -14.60 16.18
C TYR A 209 40.34 -15.67 15.87
N ILE A 210 39.80 -15.65 14.65
CA ILE A 210 38.85 -16.64 14.18
C ILE A 210 39.58 -17.57 13.21
N ARG A 211 39.38 -18.87 13.39
CA ARG A 211 40.13 -19.88 12.65
C ARG A 211 39.18 -20.91 12.08
N ALA A 212 39.47 -21.36 10.85
CA ALA A 212 38.62 -22.32 10.19
C ALA A 212 38.71 -23.68 10.87
N ARG A 213 37.66 -24.48 10.70
CA ARG A 213 37.66 -25.87 11.18
C ARG A 213 38.13 -26.75 10.03
N ALA A 214 39.34 -27.31 10.17
CA ALA A 214 39.98 -28.04 9.10
C ALA A 214 40.71 -29.26 9.65
N GLU A 215 40.63 -30.38 8.94
CA GLU A 215 41.20 -31.64 9.36
C GLU A 215 42.15 -32.18 8.30
N VAL A 216 43.18 -32.89 8.74
CA VAL A 216 44.10 -33.58 7.85
C VAL A 216 43.76 -35.06 7.86
N GLU A 217 43.38 -35.57 6.68
CA GLU A 217 43.06 -36.98 6.50
C GLU A 217 44.24 -37.70 5.83
N ALA A 218 44.23 -39.02 5.94
CA ALA A 218 45.21 -39.86 5.23
C ALA A 218 44.51 -41.09 4.69
N ASP A 219 44.70 -41.36 3.40
CA ASP A 219 44.07 -42.52 2.76
C ASP A 219 44.62 -43.81 3.35
N ALA A 220 43.73 -44.81 3.50
CA ALA A 220 44.07 -46.00 4.27
C ALA A 220 45.20 -46.79 3.62
N LYS A 221 45.19 -46.90 2.30
CA LYS A 221 46.21 -47.68 1.60
C LYS A 221 47.41 -46.82 1.23
N THR A 222 47.18 -45.76 0.44
CA THR A 222 48.27 -45.00 -0.17
C THR A 222 49.00 -44.09 0.79
N GLY A 223 48.42 -43.78 1.94
CA GLY A 223 49.03 -42.84 2.86
C GLY A 223 48.90 -41.37 2.48
N ARG A 224 48.25 -41.06 1.35
CA ARG A 224 48.16 -39.68 0.88
C ARG A 224 47.29 -38.83 1.82
N GLU A 225 47.72 -37.59 2.03
CA GLU A 225 47.06 -36.66 2.95
C GLU A 225 46.15 -35.70 2.19
N THR A 226 44.95 -35.47 2.74
CA THR A 226 44.04 -34.45 2.23
C THR A 226 43.60 -33.54 3.38
N ILE A 227 43.60 -32.24 3.13
CA ILE A 227 43.00 -31.26 4.04
C ILE A 227 41.56 -31.03 3.61
N ILE A 228 40.63 -31.20 4.55
CA ILE A 228 39.22 -30.92 4.33
C ILE A 228 38.84 -29.74 5.22
N VAL A 229 38.23 -28.72 4.62
CA VAL A 229 37.79 -27.54 5.35
C VAL A 229 36.27 -27.63 5.51
N HIS A 230 35.83 -27.71 6.77
CA HIS A 230 34.41 -27.84 7.11
C HIS A 230 33.72 -26.51 7.37
N GLU A 231 34.42 -25.57 7.99
CA GLU A 231 33.83 -24.31 8.42
C GLU A 231 34.88 -23.22 8.27
N ILE A 232 34.45 -22.02 7.87
CA ILE A 232 35.40 -20.91 7.66
C ILE A 232 35.01 -19.71 8.52
N PRO A 233 35.90 -18.72 8.69
CA PRO A 233 35.57 -17.58 9.56
C PRO A 233 34.41 -16.73 9.06
N TYR A 234 33.79 -16.04 10.00
CA TYR A 234 32.69 -15.13 9.72
C TYR A 234 33.12 -14.05 8.74
N GLN A 235 32.25 -13.78 7.77
CA GLN A 235 32.39 -12.71 6.78
C GLN A 235 33.51 -12.96 5.77
N VAL A 236 33.86 -14.23 5.54
CA VAL A 236 34.84 -14.61 4.53
C VAL A 236 34.11 -15.23 3.36
N ASN A 237 34.41 -14.76 2.14
CA ASN A 237 33.84 -15.32 0.93
C ASN A 237 34.60 -16.59 0.56
N LYS A 238 33.85 -17.68 0.34
CA LYS A 238 34.51 -18.97 0.10
C LYS A 238 35.20 -18.98 -1.27
N ALA A 239 34.51 -18.50 -2.31
CA ALA A 239 35.10 -18.55 -3.65
C ALA A 239 36.34 -17.66 -3.73
N ARG A 240 36.28 -16.48 -3.14
CA ARG A 240 37.46 -15.58 -3.14
C ARG A 240 38.61 -16.27 -2.39
N LEU A 241 38.29 -16.93 -1.28
CA LEU A 241 39.34 -17.60 -0.50
C LEU A 241 40.04 -18.67 -1.35
N ILE A 242 39.27 -19.41 -2.14
CA ILE A 242 39.85 -20.49 -2.95
C ILE A 242 40.64 -19.91 -4.11
N GLU A 243 40.13 -18.84 -4.73
CA GLU A 243 40.91 -18.13 -5.74
C GLU A 243 42.28 -17.74 -5.20
N LYS A 244 42.32 -17.25 -3.94
CA LYS A 244 43.57 -16.80 -3.35
C LYS A 244 44.54 -17.97 -3.13
N ILE A 245 44.04 -19.08 -2.59
CA ILE A 245 44.87 -20.26 -2.40
C ILE A 245 45.47 -20.70 -3.73
N ALA A 246 44.65 -20.72 -4.78
CA ALA A 246 45.14 -21.09 -6.10
C ALA A 246 46.22 -20.12 -6.57
N GLU A 247 46.02 -18.83 -6.31
CA GLU A 247 47.02 -17.83 -6.67
C GLU A 247 48.36 -18.11 -6.00
N LEU A 248 48.31 -18.43 -4.69
CA LEU A 248 49.54 -18.69 -3.93
C LEU A 248 50.23 -19.96 -4.42
N VAL A 249 49.45 -20.96 -4.82
CA VAL A 249 50.01 -22.21 -5.31
C VAL A 249 50.70 -22.00 -6.65
N LYS A 250 50.07 -21.23 -7.54
CA LYS A 250 50.67 -20.95 -8.85
C LYS A 250 51.95 -20.14 -8.70
N ASP A 251 51.97 -19.20 -7.77
CA ASP A 251 53.11 -18.30 -7.59
C ASP A 251 54.20 -18.88 -6.71
N LYS A 252 54.03 -20.11 -6.23
CA LYS A 252 54.99 -20.83 -5.39
C LYS A 252 55.17 -20.19 -4.01
N ARG A 253 54.24 -19.34 -3.59
CA ARG A 253 54.29 -18.75 -2.25
C ARG A 253 53.80 -19.73 -1.18
N VAL A 254 53.06 -20.76 -1.57
CA VAL A 254 52.67 -21.85 -0.69
C VAL A 254 52.93 -23.17 -1.42
N GLU A 255 53.68 -24.06 -0.78
CA GLU A 255 54.14 -25.30 -1.38
C GLU A 255 53.44 -26.49 -0.74
N GLY A 256 53.47 -27.62 -1.44
CA GLY A 256 52.95 -28.88 -0.92
C GLY A 256 51.56 -29.26 -1.38
N ILE A 257 50.91 -28.47 -2.24
CA ILE A 257 49.52 -28.66 -2.61
C ILE A 257 49.46 -29.20 -4.04
N SER A 258 48.83 -30.36 -4.21
CA SER A 258 48.71 -30.98 -5.52
C SER A 258 47.36 -30.76 -6.19
N ALA A 259 46.31 -30.43 -5.43
CA ALA A 259 45.00 -30.20 -6.02
C ALA A 259 44.13 -29.40 -5.05
N LEU A 260 43.12 -28.74 -5.61
CA LEU A 260 42.26 -27.79 -4.88
C LEU A 260 40.91 -27.73 -5.58
N ARG A 261 39.83 -27.95 -4.82
CA ARG A 261 38.49 -27.85 -5.40
C ARG A 261 37.45 -27.77 -4.30
N ASP A 262 36.32 -27.15 -4.65
CA ASP A 262 35.20 -26.95 -3.74
C ASP A 262 34.15 -28.02 -4.01
N GLU A 263 33.95 -28.92 -3.05
CA GLU A 263 32.96 -29.98 -3.16
C GLU A 263 31.70 -29.68 -2.35
N SER A 264 31.48 -28.42 -2.00
CA SER A 264 30.33 -28.04 -1.19
C SER A 264 29.03 -28.32 -1.95
N ASP A 265 27.98 -28.60 -1.19
CA ASP A 265 26.63 -28.70 -1.72
C ASP A 265 25.67 -28.11 -0.70
N LYS A 266 24.37 -28.29 -0.91
CA LYS A 266 23.40 -27.77 0.03
C LYS A 266 23.38 -28.53 1.35
N ASP A 267 24.19 -29.59 1.49
CA ASP A 267 24.26 -30.36 2.72
C ASP A 267 25.52 -30.09 3.52
N GLY A 268 26.29 -29.08 3.18
CA GLY A 268 27.47 -28.70 3.95
C GLY A 268 28.61 -28.21 3.09
N MET A 269 29.57 -27.56 3.73
CA MET A 269 30.76 -27.03 3.07
C MET A 269 31.86 -28.09 3.07
N ARG A 270 32.64 -28.13 1.98
CA ARG A 270 33.69 -29.15 1.85
C ARG A 270 34.70 -28.65 0.82
N ILE A 271 35.73 -27.97 1.29
CA ILE A 271 36.86 -27.59 0.45
C ILE A 271 37.92 -28.68 0.54
N VAL A 272 38.39 -29.15 -0.61
CA VAL A 272 39.34 -30.25 -0.69
C VAL A 272 40.69 -29.68 -1.09
N ILE A 273 41.72 -29.99 -0.30
CA ILE A 273 43.08 -29.53 -0.56
C ILE A 273 43.99 -30.76 -0.48
N GLU A 274 44.43 -31.25 -1.64
CA GLU A 274 45.23 -32.47 -1.67
C GLU A 274 46.70 -32.15 -1.51
N VAL A 275 47.41 -32.95 -0.71
CA VAL A 275 48.79 -32.70 -0.32
C VAL A 275 49.71 -33.60 -1.13
N LYS A 276 50.84 -33.05 -1.58
CA LYS A 276 51.86 -33.85 -2.26
C LYS A 276 52.45 -34.86 -1.29
N ARG A 277 52.97 -35.97 -1.84
CA ARG A 277 53.56 -37.00 -1.00
C ARG A 277 54.76 -36.49 -0.22
N ASP A 278 55.60 -35.67 -0.85
CA ASP A 278 56.84 -35.22 -0.22
C ASP A 278 56.63 -34.07 0.76
N ALA A 279 55.38 -33.75 1.12
CA ALA A 279 55.07 -32.68 2.04
C ALA A 279 54.28 -33.23 3.21
N VAL A 280 54.12 -32.40 4.24
CA VAL A 280 53.43 -32.75 5.47
C VAL A 280 52.16 -31.92 5.55
N GLY A 281 51.02 -32.60 5.69
CA GLY A 281 49.73 -31.92 5.65
C GLY A 281 49.60 -30.82 6.70
N GLU A 282 50.10 -31.06 7.91
CA GLU A 282 50.01 -30.03 8.95
C GLU A 282 50.89 -28.83 8.68
N VAL A 283 52.01 -29.04 8.02
CA VAL A 283 52.84 -27.89 7.71
C VAL A 283 52.18 -27.06 6.63
N VAL A 284 51.53 -27.72 5.67
CA VAL A 284 50.78 -26.99 4.65
C VAL A 284 49.62 -26.22 5.29
N LEU A 285 48.90 -26.88 6.19
CA LEU A 285 47.75 -26.23 6.82
C LEU A 285 48.17 -25.03 7.65
N ASN A 286 49.25 -25.16 8.42
CA ASN A 286 49.75 -24.03 9.21
C ASN A 286 50.19 -22.88 8.33
N ASN A 287 50.74 -23.17 7.15
CA ASN A 287 51.12 -22.11 6.22
C ASN A 287 49.89 -21.42 5.65
N LEU A 288 48.84 -22.18 5.38
CA LEU A 288 47.60 -21.60 4.86
C LEU A 288 46.97 -20.66 5.89
N TYR A 289 46.95 -21.09 7.16
CA TYR A 289 46.46 -20.22 8.24
C TYR A 289 47.19 -18.88 8.23
N SER A 290 48.50 -18.90 8.00
CA SER A 290 49.31 -17.69 8.06
C SER A 290 49.17 -16.81 6.83
N GLN A 291 48.76 -17.37 5.70
CA GLN A 291 48.77 -16.66 4.43
C GLN A 291 47.37 -16.32 3.91
N THR A 292 46.32 -16.91 4.48
CA THR A 292 45.00 -16.80 3.91
C THR A 292 43.98 -16.45 4.99
N GLN A 293 42.74 -16.22 4.54
CA GLN A 293 41.62 -15.94 5.44
C GLN A 293 41.05 -17.21 6.07
N LEU A 294 41.75 -18.34 5.95
CA LEU A 294 41.46 -19.47 6.84
C LEU A 294 41.63 -19.07 8.29
N GLN A 295 42.39 -18.02 8.56
CA GLN A 295 42.45 -17.38 9.86
C GLN A 295 42.44 -15.87 9.67
N VAL A 296 41.58 -15.19 10.42
CA VAL A 296 41.48 -13.74 10.39
C VAL A 296 41.46 -13.23 11.82
N SER A 297 41.74 -11.94 11.97
CA SER A 297 41.50 -11.24 13.22
C SER A 297 40.22 -10.42 13.09
N PHE A 298 39.49 -10.34 14.18
CA PHE A 298 38.24 -9.58 14.27
C PHE A 298 38.42 -8.55 15.36
N GLY A 299 38.53 -7.28 14.98
CA GLY A 299 38.69 -6.22 15.96
C GLY A 299 37.37 -5.79 16.55
N ILE A 300 37.09 -6.23 17.78
CA ILE A 300 35.85 -5.85 18.45
C ILE A 300 35.92 -4.40 18.87
N ASN A 301 34.90 -3.63 18.51
CA ASN A 301 34.82 -2.20 18.84
C ASN A 301 33.34 -1.87 19.06
N MET A 302 32.91 -1.90 20.31
CA MET A 302 31.49 -1.92 20.66
C MET A 302 31.00 -0.50 20.85
N VAL A 303 30.48 0.09 19.77
CA VAL A 303 30.02 1.47 19.74
C VAL A 303 28.56 1.49 19.29
N ALA A 304 27.73 2.25 20.00
CA ALA A 304 26.31 2.32 19.68
C ALA A 304 25.75 3.65 20.16
N LEU A 305 24.55 3.97 19.68
CA LEU A 305 23.86 5.18 20.09
C LEU A 305 23.15 4.95 21.42
N HIS A 306 23.50 5.76 22.42
CA HIS A 306 22.88 5.75 23.73
C HIS A 306 22.09 7.05 23.84
N HIS A 307 20.80 6.97 23.51
CA HIS A 307 19.91 8.15 23.48
C HIS A 307 20.46 9.25 22.57
N GLY A 308 20.86 8.84 21.36
CA GLY A 308 21.29 9.76 20.34
C GLY A 308 22.77 10.04 20.29
N GLN A 309 23.54 9.61 21.31
CA GLN A 309 24.94 9.94 21.46
C GLN A 309 25.81 8.71 21.24
N PRO A 310 26.82 8.79 20.36
CA PRO A 310 27.75 7.66 20.23
C PRO A 310 28.50 7.43 21.53
N LYS A 311 28.71 6.15 21.84
CA LYS A 311 29.37 5.80 23.10
C LYS A 311 30.01 4.43 22.98
N ILE A 312 31.27 4.34 23.42
CA ILE A 312 31.91 3.04 23.61
C ILE A 312 31.31 2.37 24.83
N MET A 313 31.00 1.08 24.71
CA MET A 313 30.26 0.42 25.76
C MET A 313 30.85 -0.96 26.03
N ASN A 314 31.04 -1.28 27.30
CA ASN A 314 31.45 -2.62 27.67
C ASN A 314 30.23 -3.53 27.75
N LEU A 315 30.47 -4.81 28.07
CA LEU A 315 29.39 -5.79 28.08
C LEU A 315 28.32 -5.45 29.08
N LYS A 316 28.71 -5.00 30.28
CA LYS A 316 27.72 -4.67 31.31
C LYS A 316 26.87 -3.48 30.89
N ASP A 317 27.50 -2.45 30.31
CA ASP A 317 26.75 -1.30 29.80
C ASP A 317 25.61 -1.75 28.90
N ILE A 318 25.90 -2.67 27.98
CA ILE A 318 24.94 -3.04 26.94
C ILE A 318 23.77 -3.81 27.54
N ILE A 319 24.07 -4.81 28.37
CA ILE A 319 23.02 -5.55 29.06
C ILE A 319 22.20 -4.62 29.95
N SER A 320 22.88 -3.68 30.63
CA SER A 320 22.17 -2.75 31.51
C SER A 320 21.20 -1.88 30.72
N ALA A 321 21.59 -1.45 29.52
CA ALA A 321 20.70 -0.60 28.73
C ALA A 321 19.49 -1.37 28.23
N PHE A 322 19.67 -2.65 27.89
CA PHE A 322 18.55 -3.45 27.39
C PHE A 322 17.52 -3.70 28.47
N VAL A 323 17.98 -3.94 29.70
CA VAL A 323 17.06 -4.17 30.80
C VAL A 323 16.34 -2.88 31.17
N ARG A 324 17.06 -1.76 31.14
CA ARG A 324 16.44 -0.45 31.35
C ARG A 324 15.37 -0.19 30.31
N HIS A 325 15.65 -0.58 29.06
CA HIS A 325 14.64 -0.47 28.01
C HIS A 325 13.41 -1.30 28.33
N ARG A 326 13.62 -2.51 28.87
CA ARG A 326 12.48 -3.37 29.18
C ARG A 326 11.62 -2.78 30.30
N ARG A 327 12.26 -2.14 31.29
CA ARG A 327 11.49 -1.51 32.36
C ARG A 327 10.56 -0.43 31.81
N GLU A 328 11.08 0.40 30.90
CA GLU A 328 10.28 1.48 30.31
C GLU A 328 9.14 0.91 29.46
N VAL A 329 9.44 -0.11 28.64
CA VAL A 329 8.45 -0.65 27.73
C VAL A 329 7.29 -1.29 28.49
N VAL A 330 7.60 -2.02 29.56
CA VAL A 330 6.55 -2.72 30.28
C VAL A 330 5.71 -1.75 31.09
N THR A 331 6.35 -0.73 31.68
CA THR A 331 5.60 0.29 32.40
C THR A 331 4.62 1.01 31.49
N ARG A 332 5.10 1.44 30.32
CA ARG A 332 4.25 2.14 29.37
C ARG A 332 3.14 1.22 28.85
N ARG A 333 3.48 -0.04 28.57
CA ARG A 333 2.46 -1.02 28.18
C ARG A 333 1.38 -1.14 29.23
N THR A 334 1.79 -1.17 30.50
CA THR A 334 0.84 -1.38 31.59
C THR A 334 -0.07 -0.17 31.77
N ILE A 335 0.48 1.04 31.61
CA ILE A 335 -0.34 2.24 31.61
C ILE A 335 -1.38 2.19 30.50
N PHE A 336 -0.98 1.73 29.31
CA PHE A 336 -1.88 1.70 28.17
C PHE A 336 -2.99 0.69 28.38
N GLU A 337 -2.65 -0.51 28.86
CA GLU A 337 -3.67 -1.53 29.09
C GLU A 337 -4.62 -1.12 30.21
N LEU A 338 -4.14 -0.33 31.17
CA LEU A 338 -4.99 0.12 32.28
C LEU A 338 -6.03 1.11 31.78
N ARG A 339 -5.62 2.06 30.93
CA ARG A 339 -6.57 3.02 30.37
C ARG A 339 -7.56 2.31 29.45
N LYS A 340 -7.09 1.32 28.68
CA LYS A 340 -7.97 0.61 27.76
C LYS A 340 -8.96 -0.27 28.51
N ALA A 341 -8.53 -0.88 29.62
CA ALA A 341 -9.44 -1.70 30.41
C ALA A 341 -10.50 -0.85 31.09
N ARG A 342 -10.14 0.35 31.55
CA ARG A 342 -11.09 1.22 32.22
C ARG A 342 -12.10 1.79 31.23
N ASP A 343 -11.65 2.10 30.01
CA ASP A 343 -12.57 2.57 28.98
C ASP A 343 -13.64 1.52 28.68
N ARG A 344 -13.23 0.26 28.59
CA ARG A 344 -14.16 -0.81 28.24
C ARG A 344 -15.07 -1.17 29.41
N ALA A 345 -14.53 -1.14 30.62
CA ALA A 345 -15.36 -1.40 31.80
C ALA A 345 -16.42 -0.34 31.97
N HIS A 346 -16.04 0.92 31.72
CA HIS A 346 -16.99 2.02 31.73
C HIS A 346 -18.15 1.75 30.79
N ILE A 347 -17.85 1.34 29.55
CA ILE A 347 -18.90 1.04 28.57
C ILE A 347 -19.78 -0.11 29.07
N LEU A 348 -19.15 -1.16 29.59
CA LEU A 348 -19.89 -2.35 29.99
C LEU A 348 -20.82 -2.07 31.16
N GLU A 349 -20.51 -1.06 31.98
CA GLU A 349 -21.42 -0.67 33.05
C GLU A 349 -22.72 -0.12 32.47
N ALA A 350 -22.61 0.70 31.41
CA ALA A 350 -23.81 1.25 30.77
C ALA A 350 -24.67 0.15 30.18
N LEU A 351 -24.04 -0.85 29.56
CA LEU A 351 -24.79 -1.94 28.94
C LEU A 351 -25.48 -2.80 30.00
N ALA A 352 -24.74 -3.17 31.05
CA ALA A 352 -25.34 -3.93 32.13
C ALA A 352 -26.55 -3.21 32.71
N ILE A 353 -26.49 -1.88 32.76
CA ILE A 353 -27.58 -1.12 33.35
C ILE A 353 -28.77 -1.05 32.42
N ALA A 354 -28.51 -0.97 31.12
CA ALA A 354 -29.59 -1.00 30.14
C ALA A 354 -30.33 -2.33 30.17
N LEU A 355 -29.58 -3.43 30.30
CA LEU A 355 -30.16 -4.77 30.27
C LEU A 355 -30.87 -5.14 31.57
N ALA A 356 -30.61 -4.43 32.66
CA ALA A 356 -31.37 -4.61 33.89
C ALA A 356 -32.62 -3.74 33.94
N ASN A 357 -32.64 -2.65 33.17
CA ASN A 357 -33.79 -1.75 33.06
C ASN A 357 -34.38 -1.78 31.66
N ILE A 358 -34.37 -2.97 31.03
CA ILE A 358 -34.64 -3.05 29.60
C ILE A 358 -36.04 -2.52 29.27
N ASP A 359 -37.01 -2.75 30.16
CA ASP A 359 -38.38 -2.33 29.84
C ASP A 359 -38.49 -0.82 29.73
N PRO A 360 -38.10 -0.02 30.74
CA PRO A 360 -38.19 1.44 30.55
C PRO A 360 -37.18 1.99 29.56
N ILE A 361 -36.09 1.28 29.28
CA ILE A 361 -35.13 1.74 28.28
C ILE A 361 -35.78 1.71 26.89
N ILE A 362 -36.30 0.55 26.51
CA ILE A 362 -36.99 0.42 25.23
C ILE A 362 -38.13 1.43 25.13
N GLU A 363 -38.94 1.52 26.19
CA GLU A 363 -40.07 2.44 26.22
C GLU A 363 -39.61 3.88 25.98
N LEU A 364 -38.50 4.28 26.62
CA LEU A 364 -37.97 5.62 26.41
C LEU A 364 -37.61 5.84 24.94
N ILE A 365 -36.93 4.86 24.34
CA ILE A 365 -36.41 5.05 22.99
C ILE A 365 -37.53 5.07 21.96
N ARG A 366 -38.47 4.12 22.07
CA ARG A 366 -39.61 4.07 21.16
C ARG A 366 -40.33 5.41 21.13
N ARG A 367 -40.50 6.02 22.30
CA ARG A 367 -41.18 7.30 22.42
C ARG A 367 -40.40 8.46 21.82
N ALA A 368 -39.12 8.28 21.51
CA ALA A 368 -38.34 9.40 20.99
C ALA A 368 -38.51 9.49 19.48
N PRO A 369 -38.70 10.68 18.94
CA PRO A 369 -38.68 10.84 17.48
C PRO A 369 -37.32 10.52 16.89
N THR A 370 -36.30 11.27 17.26
CA THR A 370 -34.97 11.08 16.71
C THR A 370 -34.04 10.41 17.72
N PRO A 371 -33.05 9.64 17.24
CA PRO A 371 -32.09 9.05 18.16
C PRO A 371 -31.28 10.07 18.95
N ALA A 372 -31.16 11.31 18.47
CA ALA A 372 -30.37 12.32 19.15
C ALA A 372 -31.04 12.85 20.43
N GLU A 373 -32.35 12.67 20.56
CA GLU A 373 -33.06 13.06 21.77
C GLU A 373 -33.58 11.87 22.57
N ALA A 374 -33.50 10.66 22.03
CA ALA A 374 -33.47 9.47 22.90
C ALA A 374 -32.19 9.47 23.72
N LYS A 375 -31.08 9.85 23.10
CA LYS A 375 -29.82 10.01 23.80
C LYS A 375 -29.93 11.04 24.92
N ALA A 376 -30.51 12.20 24.62
CA ALA A 376 -30.60 13.26 25.61
C ALA A 376 -31.53 12.89 26.76
N ALA A 377 -32.54 12.05 26.50
CA ALA A 377 -33.42 11.62 27.57
C ALA A 377 -32.72 10.61 28.49
N LEU A 378 -31.88 9.75 27.91
CA LEU A 378 -31.19 8.73 28.70
C LEU A 378 -30.26 9.36 29.73
N ILE A 379 -29.58 10.45 29.36
CA ILE A 379 -28.63 11.09 30.27
C ILE A 379 -29.30 12.08 31.24
N SER A 380 -30.53 12.50 30.97
CA SER A 380 -31.22 13.41 31.87
C SER A 380 -31.78 12.71 33.10
N ARG A 381 -31.82 11.37 33.09
CA ARG A 381 -32.50 10.61 34.13
C ARG A 381 -31.57 9.58 34.74
N PRO A 382 -31.51 9.49 36.07
CA PRO A 382 -30.77 8.39 36.71
C PRO A 382 -31.50 7.07 36.52
N TRP A 383 -30.76 5.99 36.75
CA TRP A 383 -31.29 4.65 36.55
C TRP A 383 -30.99 3.78 37.76
N ASP A 384 -31.95 2.94 38.11
CA ASP A 384 -31.79 2.02 39.23
C ASP A 384 -30.76 0.96 38.88
N LEU A 385 -29.98 0.57 39.90
CA LEU A 385 -28.95 -0.43 39.68
C LEU A 385 -29.54 -1.82 39.53
N GLY A 386 -30.73 -2.07 40.06
CA GLY A 386 -31.37 -3.36 39.90
C GLY A 386 -30.55 -4.48 40.49
N ASN A 387 -30.59 -5.64 39.81
CA ASN A 387 -29.90 -6.87 40.27
C ASN A 387 -28.42 -6.89 39.89
N VAL A 388 -27.90 -5.75 39.49
CA VAL A 388 -26.49 -5.65 39.13
C VAL A 388 -25.75 -4.72 40.08
N ALA A 389 -26.41 -4.31 41.17
CA ALA A 389 -25.81 -3.44 42.17
C ALA A 389 -24.73 -4.15 42.99
N ALA A 390 -24.82 -5.48 43.12
CA ALA A 390 -23.74 -6.21 43.77
C ALA A 390 -22.44 -6.05 42.98
N MET A 391 -22.55 -5.97 41.66
CA MET A 391 -21.39 -5.91 40.78
C MET A 391 -20.71 -4.54 40.78
N LEU A 392 -21.48 -3.46 40.98
CA LEU A 392 -20.97 -2.12 40.75
C LEU A 392 -20.55 -1.39 42.01
N GLU A 393 -21.09 -1.75 43.18
CA GLU A 393 -20.81 -0.98 44.39
C GLU A 393 -19.47 -1.40 45.00
N ARG A 394 -19.35 -2.66 45.40
CA ARG A 394 -18.06 -3.28 45.76
C ARG A 394 -17.34 -2.52 46.86
N ALA A 395 -18.07 -2.15 47.91
CA ALA A 395 -17.49 -1.55 49.11
C ALA A 395 -16.75 -0.25 48.80
N GLY A 396 -17.28 0.53 47.85
CA GLY A 396 -16.69 1.80 47.52
C GLY A 396 -15.52 1.76 46.55
N ASP A 397 -15.27 0.61 45.93
CA ASP A 397 -14.14 0.45 45.02
C ASP A 397 -14.40 1.21 43.72
N ASP A 398 -13.55 2.19 43.42
CA ASP A 398 -13.69 3.02 42.23
C ASP A 398 -12.42 3.02 41.40
N ALA A 399 -11.76 1.87 41.30
CA ALA A 399 -10.54 1.74 40.52
C ALA A 399 -10.80 1.49 39.04
N ALA A 400 -11.96 0.95 38.69
CA ALA A 400 -12.31 0.73 37.29
C ALA A 400 -12.80 1.98 36.59
N ARG A 401 -12.86 3.11 37.30
CA ARG A 401 -13.35 4.34 36.68
C ARG A 401 -12.24 4.95 35.83
N PRO A 402 -12.55 5.41 34.62
CA PRO A 402 -11.57 6.17 33.85
C PRO A 402 -11.12 7.41 34.62
N GLU A 403 -9.85 7.78 34.41
CA GLU A 403 -9.30 8.93 35.11
C GLU A 403 -10.01 10.22 34.75
N TRP A 404 -10.52 10.32 33.53
CA TRP A 404 -11.12 11.56 33.04
C TRP A 404 -12.57 11.73 33.44
N LEU A 405 -13.18 10.73 34.06
CA LEU A 405 -14.62 10.76 34.32
C LEU A 405 -14.92 11.69 35.48
N GLU A 406 -15.72 12.73 35.22
CA GLU A 406 -16.10 13.67 36.25
C GLU A 406 -16.90 12.96 37.35
N PRO A 407 -16.83 13.44 38.59
CA PRO A 407 -17.50 12.73 39.70
C PRO A 407 -19.02 12.75 39.63
N GLU A 408 -19.61 13.61 38.80
CA GLU A 408 -21.06 13.63 38.68
C GLU A 408 -21.62 12.47 37.87
N PHE A 409 -20.77 11.66 37.27
CA PHE A 409 -21.17 10.51 36.47
C PHE A 409 -20.81 9.21 37.19
N GLY A 410 -21.51 8.14 36.83
CA GLY A 410 -21.23 6.82 37.43
C GLY A 410 -22.24 6.46 38.49
N VAL A 411 -21.87 5.56 39.40
CA VAL A 411 -22.77 5.18 40.53
C VAL A 411 -22.83 6.34 41.52
N ARG A 412 -24.03 6.77 41.87
CA ARG A 412 -24.21 7.90 42.82
C ARG A 412 -25.55 7.76 43.54
N ASP A 413 -25.54 7.81 44.87
CA ASP A 413 -26.79 7.81 45.63
C ASP A 413 -27.66 6.58 45.30
N GLY A 414 -27.00 5.45 45.07
CA GLY A 414 -27.70 4.24 44.69
C GLY A 414 -28.25 4.22 43.28
N GLN A 415 -27.81 5.14 42.43
CA GLN A 415 -28.29 5.25 41.05
C GLN A 415 -27.09 5.45 40.13
N TYR A 416 -27.35 5.38 38.83
CA TYR A 416 -26.31 5.55 37.82
C TYR A 416 -26.67 6.70 36.89
N TYR A 417 -25.67 7.52 36.57
CA TYR A 417 -25.84 8.70 35.74
C TYR A 417 -24.96 8.53 34.52
N LEU A 418 -25.59 8.41 33.35
CA LEU A 418 -24.90 8.05 32.12
C LEU A 418 -24.19 9.25 31.52
N THR A 419 -23.13 8.95 30.76
CA THR A 419 -22.54 9.94 29.87
C THR A 419 -23.18 9.83 28.49
N GLU A 420 -22.94 10.85 27.67
CA GLU A 420 -23.47 10.81 26.30
C GLU A 420 -22.93 9.62 25.51
N GLN A 421 -21.64 9.30 25.64
CA GLN A 421 -21.13 8.17 24.88
C GLN A 421 -21.60 6.86 25.46
N GLN A 422 -21.93 6.84 26.75
CA GLN A 422 -22.56 5.64 27.29
C GLN A 422 -23.97 5.48 26.73
N ALA A 423 -24.72 6.58 26.64
CA ALA A 423 -26.04 6.53 26.01
C ALA A 423 -25.92 6.06 24.56
N GLN A 424 -24.92 6.56 23.84
CA GLN A 424 -24.69 6.13 22.46
C GLN A 424 -24.43 4.64 22.40
N ALA A 425 -23.58 4.13 23.31
CA ALA A 425 -23.30 2.70 23.37
C ALA A 425 -24.59 1.90 23.55
N ILE A 426 -25.47 2.35 24.44
CA ILE A 426 -26.76 1.70 24.62
C ILE A 426 -27.55 1.73 23.32
N LEU A 427 -27.52 2.87 22.61
CA LEU A 427 -28.27 2.99 21.37
C LEU A 427 -27.70 2.08 20.29
N ASP A 428 -26.40 1.80 20.33
CA ASP A 428 -25.75 0.94 19.36
C ASP A 428 -25.93 -0.55 19.63
N LEU A 429 -26.61 -0.91 20.71
CA LEU A 429 -26.70 -2.31 21.11
C LEU A 429 -27.59 -3.08 20.15
N ARG A 430 -27.09 -4.24 19.70
CA ARG A 430 -27.87 -5.09 18.81
C ARG A 430 -28.80 -5.99 19.61
N LEU A 431 -29.90 -6.40 18.97
CA LEU A 431 -30.92 -7.17 19.67
C LEU A 431 -30.40 -8.52 20.14
N GLN A 432 -29.39 -9.08 19.47
CA GLN A 432 -28.83 -10.36 19.90
C GLN A 432 -28.39 -10.31 21.36
N LYS A 433 -27.96 -9.14 21.83
CA LYS A 433 -27.43 -8.98 23.16
C LYS A 433 -28.47 -9.20 24.26
N LEU A 434 -29.73 -9.42 23.90
CA LEU A 434 -30.78 -9.64 24.88
C LEU A 434 -30.97 -11.12 25.22
N THR A 435 -30.42 -12.02 24.41
CA THR A 435 -30.42 -13.44 24.74
C THR A 435 -29.61 -13.66 26.02
N GLY A 436 -29.85 -14.81 26.64
CA GLY A 436 -29.29 -15.06 27.95
C GLY A 436 -27.78 -15.21 27.94
N LEU A 437 -27.26 -16.02 27.01
CA LEU A 437 -25.82 -16.29 26.98
C LEU A 437 -25.03 -15.04 26.62
N GLU A 438 -25.57 -14.21 25.72
CA GLU A 438 -24.87 -13.00 25.32
C GLU A 438 -24.89 -11.97 26.44
N HIS A 439 -25.98 -11.97 27.23
CA HIS A 439 -26.08 -11.09 28.40
C HIS A 439 -25.01 -11.43 29.43
N GLU A 440 -24.92 -12.71 29.82
CA GLU A 440 -23.92 -13.14 30.78
C GLU A 440 -22.51 -12.93 30.25
N LYS A 441 -22.33 -12.99 28.93
CA LYS A 441 -20.99 -12.82 28.36
C LYS A 441 -20.47 -11.42 28.59
N LEU A 442 -21.35 -10.41 28.55
CA LEU A 442 -20.94 -9.05 28.86
C LEU A 442 -20.59 -8.90 30.32
N LEU A 443 -21.37 -9.54 31.20
CA LEU A 443 -21.12 -9.45 32.63
C LEU A 443 -19.85 -10.19 33.02
N ASP A 444 -19.53 -11.30 32.35
CA ASP A 444 -18.30 -12.02 32.65
C ASP A 444 -17.08 -11.25 32.19
N GLU A 445 -17.18 -10.55 31.05
CA GLU A 445 -16.08 -9.72 30.58
C GLU A 445 -15.76 -8.63 31.60
N TYR A 446 -16.79 -8.08 32.24
CA TYR A 446 -16.59 -6.99 33.19
C TYR A 446 -15.88 -7.50 34.45
N LYS A 447 -16.23 -8.69 34.93
CA LYS A 447 -15.59 -9.23 36.13
C LYS A 447 -14.13 -9.58 35.86
N GLU A 448 -13.81 -10.04 34.65
CA GLU A 448 -12.42 -10.26 34.30
C GLU A 448 -11.64 -8.95 34.27
N LEU A 449 -12.28 -7.88 33.78
CA LEU A 449 -11.59 -6.60 33.66
C LEU A 449 -11.21 -6.05 35.03
N LEU A 450 -12.05 -6.28 36.04
CA LEU A 450 -11.74 -5.81 37.38
C LEU A 450 -10.52 -6.53 37.96
N GLU A 451 -10.40 -7.83 37.68
CA GLU A 451 -9.22 -8.57 38.11
C GLU A 451 -7.98 -8.11 37.34
N GLN A 452 -8.13 -7.93 36.02
CA GLN A 452 -7.03 -7.41 35.21
C GLN A 452 -6.55 -6.06 35.71
N ILE A 453 -7.49 -5.17 36.03
CA ILE A 453 -7.13 -3.81 36.45
C ILE A 453 -6.35 -3.84 37.76
N ALA A 454 -6.73 -4.74 38.68
CA ALA A 454 -6.01 -4.83 39.93
C ALA A 454 -4.58 -5.33 39.72
N GLU A 455 -4.39 -6.25 38.77
CA GLU A 455 -3.06 -6.76 38.49
C GLU A 455 -2.19 -5.73 37.78
N LEU A 456 -2.80 -4.87 36.96
CA LEU A 456 -2.05 -3.80 36.31
C LEU A 456 -1.59 -2.76 37.33
N LEU A 457 -2.46 -2.44 38.29
CA LEU A 457 -2.11 -1.47 39.33
C LEU A 457 -0.99 -2.01 40.23
N HIS A 458 -0.99 -3.32 40.48
CA HIS A 458 0.08 -3.93 41.26
C HIS A 458 1.43 -3.75 40.58
N ILE A 459 1.48 -3.94 39.26
CA ILE A 459 2.73 -3.82 38.52
C ILE A 459 3.24 -2.38 38.58
N LEU A 460 2.34 -1.42 38.37
CA LEU A 460 2.74 -0.02 38.45
C LEU A 460 3.21 0.38 39.84
N GLY A 461 2.80 -0.35 40.88
CA GLY A 461 3.12 0.07 42.23
C GLY A 461 4.21 -0.71 42.93
N SER A 462 4.81 -1.70 42.26
CA SER A 462 5.81 -2.55 42.89
C SER A 462 6.92 -2.87 41.87
N ALA A 463 8.10 -2.27 42.08
CA ALA A 463 9.24 -2.55 41.21
C ALA A 463 9.59 -4.03 41.22
N ASP A 464 9.41 -4.70 42.36
CA ASP A 464 9.64 -6.13 42.42
C ASP A 464 8.74 -6.88 41.45
N ARG A 465 7.47 -6.47 41.36
CA ARG A 465 6.52 -7.15 40.49
C ARG A 465 6.82 -6.86 39.03
N LEU A 466 7.27 -5.64 38.73
CA LEU A 466 7.66 -5.31 37.36
C LEU A 466 8.82 -6.19 36.90
N MET A 467 9.80 -6.43 37.78
CA MET A 467 10.94 -7.26 37.41
C MET A 467 10.56 -8.73 37.33
N GLU A 468 9.54 -9.15 38.08
CA GLU A 468 9.03 -10.50 37.92
C GLU A 468 8.46 -10.72 36.53
N VAL A 469 7.72 -9.73 36.03
CA VAL A 469 7.16 -9.83 34.68
C VAL A 469 8.27 -9.91 33.64
N ILE A 470 9.33 -9.11 33.83
CA ILE A 470 10.42 -9.10 32.86
C ILE A 470 11.16 -10.43 32.88
N ARG A 471 11.42 -10.98 34.07
CA ARG A 471 12.07 -12.28 34.16
C ARG A 471 11.30 -13.33 33.38
N GLU A 472 9.97 -13.36 33.55
CA GLU A 472 9.16 -14.35 32.84
C GLU A 472 9.31 -14.20 31.34
N GLU A 473 9.27 -12.95 30.84
CA GLU A 473 9.43 -12.72 29.41
C GLU A 473 10.78 -13.22 28.93
N MET A 474 11.83 -13.00 29.72
CA MET A 474 13.18 -13.44 29.35
C MET A 474 13.24 -14.95 29.22
N GLU A 475 12.71 -15.67 30.22
CA GLU A 475 12.77 -17.13 30.19
C GLU A 475 11.93 -17.68 29.04
N LEU A 476 10.80 -17.04 28.74
CA LEU A 476 9.99 -17.48 27.61
C LEU A 476 10.72 -17.29 26.28
N ILE A 477 11.42 -16.15 26.13
CA ILE A 477 12.22 -15.92 24.94
C ILE A 477 13.30 -16.98 24.81
N ARG A 478 13.96 -17.30 25.92
CA ARG A 478 14.96 -18.36 25.92
C ARG A 478 14.37 -19.68 25.44
N ASP A 479 13.15 -20.00 25.90
CA ASP A 479 12.53 -21.27 25.52
C ASP A 479 12.20 -21.31 24.04
N GLN A 480 11.73 -20.19 23.48
CA GLN A 480 11.22 -20.20 22.10
C GLN A 480 12.35 -20.15 21.08
N PHE A 481 13.40 -19.39 21.35
CA PHE A 481 14.39 -19.06 20.34
C PHE A 481 15.81 -19.47 20.69
N GLY A 482 16.05 -19.92 21.92
CA GLY A 482 17.39 -20.36 22.27
C GLY A 482 17.81 -21.55 21.45
N ASP A 483 19.09 -21.60 21.10
CA ASP A 483 19.66 -22.70 20.35
C ASP A 483 21.08 -22.96 20.86
N GLU A 484 21.80 -23.84 20.16
CA GLU A 484 23.08 -24.34 20.64
C GLU A 484 24.23 -23.50 20.09
N ARG A 485 25.28 -23.38 20.91
CA ARG A 485 26.49 -22.69 20.48
C ARG A 485 27.07 -23.39 19.25
N ARG A 486 27.54 -22.59 18.30
CA ARG A 486 28.15 -23.07 17.07
C ARG A 486 29.65 -22.90 17.03
N THR A 487 30.16 -21.80 17.58
CA THR A 487 31.57 -21.48 17.51
C THR A 487 32.28 -22.03 18.74
N GLU A 488 33.35 -22.80 18.52
CA GLU A 488 34.14 -23.33 19.62
C GLU A 488 35.15 -22.28 20.08
N ILE A 489 35.25 -22.11 21.39
CA ILE A 489 36.27 -21.24 22.00
C ILE A 489 37.28 -22.14 22.68
N THR A 490 38.49 -22.19 22.13
CA THR A 490 39.56 -22.96 22.75
C THR A 490 40.23 -22.15 23.84
N ALA A 491 40.91 -22.85 24.73
CA ALA A 491 41.75 -22.25 25.76
C ALA A 491 43.22 -22.35 25.39
N GLU A 492 43.55 -22.01 24.15
CA GLU A 492 44.89 -22.21 23.61
C GLU A 492 45.21 -21.10 22.61
N LEU A 493 46.46 -21.05 22.20
CA LEU A 493 46.98 -20.07 21.24
C LEU A 493 46.57 -18.64 21.57
N ALA B 1 2.14 -3.27 -25.91
CA ALA B 1 2.29 -1.82 -25.83
C ALA B 1 1.27 -1.12 -26.71
N LEU B 2 0.17 -1.81 -26.99
CA LEU B 2 -0.86 -1.16 -27.79
C LEU B 2 -2.01 -0.69 -26.90
N PRO B 3 -2.64 0.43 -27.23
CA PRO B 3 -3.78 0.88 -26.43
C PRO B 3 -5.03 0.07 -26.74
N ASP B 4 -5.85 -0.10 -25.71
CA ASP B 4 -7.16 -0.72 -25.91
C ASP B 4 -8.08 0.29 -26.56
N VAL B 5 -8.82 -0.16 -27.59
CA VAL B 5 -9.65 0.77 -28.35
C VAL B 5 -10.75 1.35 -27.48
N ARG B 6 -11.12 0.66 -26.40
CA ARG B 6 -12.30 1.07 -25.63
C ARG B 6 -11.97 2.18 -24.63
N ASP B 7 -10.82 2.10 -23.96
CA ASP B 7 -10.45 3.12 -22.99
C ASP B 7 -9.18 3.89 -23.35
N GLY B 8 -8.54 3.57 -24.47
CA GLY B 8 -7.37 4.30 -24.92
C GLY B 8 -6.12 4.11 -24.09
N LEU B 9 -6.07 3.08 -23.25
CA LEU B 9 -5.02 2.90 -22.27
C LEU B 9 -4.15 1.70 -22.61
N LYS B 10 -2.85 1.83 -22.34
CA LYS B 10 -1.95 0.69 -22.27
C LYS B 10 -1.95 0.15 -20.84
N PRO B 11 -1.44 -1.07 -20.63
CA PRO B 11 -1.47 -1.64 -19.27
C PRO B 11 -0.85 -0.75 -18.21
N VAL B 12 0.26 -0.07 -18.53
CA VAL B 12 0.93 0.75 -17.53
C VAL B 12 0.09 1.97 -17.18
N HIS B 13 -0.60 2.56 -18.16
CA HIS B 13 -1.54 3.64 -17.87
C HIS B 13 -2.62 3.17 -16.92
N ARG B 14 -3.22 2.01 -17.21
CA ARG B 14 -4.33 1.50 -16.44
C ARG B 14 -3.92 1.15 -15.01
N ARG B 15 -2.68 0.70 -14.82
CA ARG B 15 -2.21 0.34 -13.49
C ARG B 15 -2.04 1.57 -12.62
N VAL B 16 -1.56 2.67 -13.21
CA VAL B 16 -1.37 3.90 -12.45
C VAL B 16 -2.72 4.45 -12.00
N LEU B 17 -3.68 4.52 -12.92
CA LEU B 17 -4.98 5.11 -12.60
C LEU B 17 -5.77 4.23 -11.64
N TYR B 18 -5.62 2.90 -11.72
CA TYR B 18 -6.32 2.04 -10.76
C TYR B 18 -5.74 2.19 -9.37
N ALA B 19 -4.41 2.30 -9.27
CA ALA B 19 -3.78 2.42 -7.96
C ALA B 19 -4.18 3.72 -7.29
N MET B 20 -4.25 4.82 -8.05
CA MET B 20 -4.68 6.09 -7.49
C MET B 20 -6.13 6.02 -7.04
N ASN B 21 -6.95 5.28 -7.79
CA ASN B 21 -8.34 5.06 -7.40
C ASN B 21 -8.43 4.32 -6.06
N VAL B 22 -7.64 3.26 -5.91
CA VAL B 22 -7.69 2.47 -4.69
C VAL B 22 -7.18 3.27 -3.50
N LEU B 23 -6.23 4.18 -3.73
CA LEU B 23 -5.71 5.01 -2.65
C LEU B 23 -6.69 6.08 -2.21
N GLY B 24 -7.76 6.34 -2.95
CA GLY B 24 -8.62 7.46 -2.64
C GLY B 24 -8.02 8.79 -3.03
N ASN B 25 -7.18 8.80 -4.06
CA ASN B 25 -6.40 9.96 -4.45
C ASN B 25 -7.23 10.82 -5.42
N ASP B 26 -8.33 11.34 -4.89
CA ASP B 26 -9.42 11.90 -5.68
C ASP B 26 -9.22 13.37 -6.01
N TRP B 27 -9.99 13.84 -7.00
CA TRP B 27 -9.90 15.22 -7.47
C TRP B 27 -10.22 16.23 -6.38
N ASN B 28 -11.06 15.84 -5.42
CA ASN B 28 -11.53 16.75 -4.37
C ASN B 28 -10.94 16.42 -3.00
N LYS B 29 -9.79 15.75 -2.97
CA LYS B 29 -9.10 15.45 -1.74
C LYS B 29 -7.66 15.94 -1.86
N ALA B 30 -6.94 15.91 -0.73
CA ALA B 30 -5.62 16.52 -0.67
C ALA B 30 -4.63 15.79 -1.57
N TYR B 31 -3.69 16.57 -2.10
CA TYR B 31 -2.63 16.01 -2.93
C TYR B 31 -1.84 14.97 -2.15
N LYS B 32 -1.39 13.94 -2.85
CA LYS B 32 -0.45 12.98 -2.31
C LYS B 32 0.88 13.10 -3.04
N LYS B 33 1.95 12.72 -2.36
CA LYS B 33 3.26 12.74 -2.98
C LYS B 33 3.33 11.70 -4.09
N SER B 34 3.94 12.09 -5.22
CA SER B 34 4.07 11.17 -6.35
C SER B 34 4.71 9.86 -5.94
N ALA B 35 5.71 9.93 -5.06
CA ALA B 35 6.41 8.71 -4.64
C ALA B 35 5.45 7.71 -3.99
N ARG B 36 4.47 8.21 -3.23
CA ARG B 36 3.52 7.32 -2.57
C ARG B 36 2.74 6.51 -3.59
N VAL B 37 2.36 7.13 -4.71
CA VAL B 37 1.62 6.41 -5.74
C VAL B 37 2.56 5.49 -6.51
N VAL B 38 3.77 5.97 -6.82
CA VAL B 38 4.75 5.13 -7.52
C VAL B 38 5.04 3.87 -6.73
N GLY B 39 5.19 4.01 -5.40
CA GLY B 39 5.47 2.85 -4.58
C GLY B 39 4.34 1.83 -4.58
N ASP B 40 3.10 2.31 -4.62
CA ASP B 40 1.94 1.41 -4.68
C ASP B 40 1.94 0.63 -5.98
N VAL B 41 2.26 1.30 -7.09
CA VAL B 41 2.22 0.66 -8.41
C VAL B 41 3.34 -0.36 -8.52
N ILE B 42 4.54 -0.01 -8.05
CA ILE B 42 5.66 -0.95 -8.08
C ILE B 42 5.33 -2.19 -7.27
N GLY B 43 4.80 -1.99 -6.06
CA GLY B 43 4.56 -3.13 -5.18
C GLY B 43 3.50 -4.07 -5.72
N LYS B 44 2.41 -3.51 -6.26
CA LYS B 44 1.24 -4.32 -6.59
C LYS B 44 1.17 -4.72 -8.06
N TYR B 45 1.61 -3.89 -9.00
CA TYR B 45 1.23 -4.08 -10.40
C TYR B 45 2.38 -4.07 -11.40
N HIS B 46 3.56 -3.57 -11.05
CA HIS B 46 4.60 -3.28 -12.04
C HIS B 46 5.95 -3.27 -11.33
N PRO B 47 6.45 -4.45 -10.95
CA PRO B 47 7.50 -4.56 -9.91
C PRO B 47 8.94 -4.39 -10.42
N HIS B 48 9.29 -3.18 -10.82
CA HIS B 48 10.64 -2.89 -11.28
C HIS B 48 11.08 -1.54 -10.73
N GLY B 49 12.28 -1.49 -10.17
CA GLY B 49 12.87 -0.23 -9.73
C GLY B 49 13.22 0.62 -10.94
N ASP B 50 12.25 1.37 -11.45
CA ASP B 50 12.35 1.93 -12.79
C ASP B 50 11.63 3.27 -12.83
N SER B 51 11.93 4.05 -13.86
CA SER B 51 11.28 5.33 -14.09
C SER B 51 10.02 5.22 -14.94
N ALA B 52 9.68 4.03 -15.44
CA ALA B 52 8.53 3.88 -16.32
C ALA B 52 7.26 4.37 -15.65
N VAL B 53 7.10 4.10 -14.36
CA VAL B 53 5.86 4.46 -13.67
C VAL B 53 5.76 5.98 -13.49
N TYR B 54 6.84 6.61 -13.01
CA TYR B 54 6.79 8.05 -12.78
C TYR B 54 6.77 8.83 -14.08
N ASP B 55 7.45 8.35 -15.12
CA ASP B 55 7.35 8.97 -16.43
C ASP B 55 5.90 8.97 -16.93
N THR B 56 5.18 7.88 -16.65
CA THR B 56 3.79 7.78 -17.08
C THR B 56 2.91 8.80 -16.35
N ILE B 57 3.12 8.95 -15.03
CA ILE B 57 2.39 9.95 -14.26
C ILE B 57 2.68 11.34 -14.79
N VAL B 58 3.93 11.61 -15.13
CA VAL B 58 4.34 12.97 -15.52
C VAL B 58 3.68 13.38 -16.83
N ARG B 59 3.65 12.47 -17.82
CA ARG B 59 3.04 12.82 -19.10
C ARG B 59 1.54 13.07 -18.94
N MET B 60 0.87 12.23 -18.14
CA MET B 60 -0.57 12.38 -17.94
C MET B 60 -0.93 13.73 -17.32
N ALA B 61 0.03 14.42 -16.72
CA ALA B 61 -0.23 15.69 -16.04
C ALA B 61 0.20 16.90 -16.85
N GLN B 62 0.75 16.70 -18.04
CA GLN B 62 1.30 17.81 -18.81
C GLN B 62 0.24 18.35 -19.77
N PRO B 63 -0.16 19.63 -19.65
CA PRO B 63 -1.16 20.16 -20.58
C PRO B 63 -0.67 20.32 -22.00
N PHE B 64 0.64 20.26 -22.24
CA PHE B 64 1.16 20.32 -23.59
C PHE B 64 1.30 18.94 -24.23
N SER B 65 1.11 17.87 -23.45
CA SER B 65 1.11 16.51 -23.96
C SER B 65 -0.29 15.93 -24.09
N LEU B 66 -1.18 16.22 -23.15
CA LEU B 66 -2.52 15.66 -23.13
C LEU B 66 -3.58 16.73 -23.36
N ARG B 67 -4.49 16.45 -24.29
CA ARG B 67 -5.57 17.38 -24.60
C ARG B 67 -6.56 17.49 -23.44
N TYR B 68 -6.74 16.41 -22.70
CA TYR B 68 -7.53 16.42 -21.47
C TYR B 68 -6.76 15.62 -20.44
N MET B 69 -6.04 16.34 -19.58
CA MET B 69 -5.13 15.71 -18.62
C MET B 69 -5.88 14.75 -17.71
N LEU B 70 -5.28 13.59 -17.48
CA LEU B 70 -5.81 12.59 -16.57
C LEU B 70 -5.27 12.72 -15.16
N VAL B 71 -4.22 13.51 -14.96
CA VAL B 71 -3.59 13.69 -13.65
C VAL B 71 -3.51 15.17 -13.34
N ASP B 72 -3.94 15.53 -12.13
CA ASP B 72 -3.81 16.89 -11.61
C ASP B 72 -2.52 16.95 -10.80
N GLY B 73 -1.53 17.67 -11.33
CA GLY B 73 -0.19 17.68 -10.78
C GLY B 73 0.18 19.06 -10.21
N GLN B 74 0.80 19.03 -9.04
CA GLN B 74 1.27 20.23 -8.35
C GLN B 74 2.79 20.17 -8.22
N GLY B 75 3.46 21.21 -8.65
CA GLY B 75 4.90 21.25 -8.68
C GLY B 75 5.45 21.33 -10.10
N ASN B 76 6.75 21.06 -10.21
CA ASN B 76 7.46 21.14 -11.49
C ASN B 76 7.30 19.82 -12.23
N PHE B 77 6.49 19.82 -13.29
CA PHE B 77 6.28 18.63 -14.10
C PHE B 77 6.87 18.79 -15.50
N GLY B 78 7.80 19.71 -15.69
CA GLY B 78 8.40 19.94 -16.98
C GLY B 78 7.65 21.01 -17.77
N SER B 79 8.21 21.33 -18.93
CA SER B 79 7.70 22.42 -19.74
C SER B 79 7.86 22.05 -21.21
N ILE B 80 7.35 22.94 -22.07
CA ILE B 80 7.43 22.75 -23.51
C ILE B 80 8.83 22.98 -24.04
N ASP B 81 9.75 23.43 -23.19
CA ASP B 81 11.16 23.55 -23.55
C ASP B 81 11.97 22.29 -23.26
N GLY B 82 11.33 21.23 -22.80
CA GLY B 82 11.98 19.94 -22.66
C GLY B 82 12.70 19.69 -21.35
N ASP B 83 12.68 20.64 -20.40
CA ASP B 83 13.31 20.43 -19.11
C ASP B 83 12.56 19.35 -18.33
N SER B 84 13.31 18.62 -17.49
CA SER B 84 12.77 17.47 -16.79
C SER B 84 11.90 17.89 -15.61
N ALA B 85 10.95 17.01 -15.27
CA ALA B 85 10.20 17.17 -14.05
C ALA B 85 11.09 16.91 -12.85
N ALA B 86 10.72 17.49 -11.71
CA ALA B 86 11.45 17.21 -10.48
C ALA B 86 11.19 15.77 -10.04
N ALA B 87 11.99 15.32 -9.07
CA ALA B 87 11.91 13.93 -8.63
C ALA B 87 10.60 13.66 -7.90
N MET B 88 10.24 12.38 -7.82
CA MET B 88 8.94 11.98 -7.32
C MET B 88 8.72 12.37 -5.85
N ARG B 89 9.80 12.59 -5.10
CA ARG B 89 9.67 13.06 -3.73
C ARG B 89 9.35 14.54 -3.63
N TYR B 90 9.33 15.26 -4.76
CA TYR B 90 9.11 16.71 -4.76
C TYR B 90 7.83 17.14 -5.47
N THR B 91 7.10 16.22 -6.10
CA THR B 91 5.87 16.55 -6.80
C THR B 91 4.67 15.89 -6.12
N GLU B 92 3.49 16.46 -6.35
CA GLU B 92 2.26 15.99 -5.75
C GLU B 92 1.20 15.80 -6.83
N ILE B 93 0.34 14.80 -6.67
CA ILE B 93 -0.62 14.42 -7.69
C ILE B 93 -1.94 13.99 -7.07
N ARG B 94 -2.99 14.07 -7.88
CA ARG B 94 -4.28 13.48 -7.61
C ARG B 94 -4.99 13.30 -8.94
N LEU B 95 -6.05 12.49 -8.92
CA LEU B 95 -6.80 12.25 -10.14
C LEU B 95 -7.45 13.53 -10.63
N ALA B 96 -7.41 13.75 -11.94
CA ALA B 96 -8.17 14.84 -12.51
C ALA B 96 -9.65 14.49 -12.51
N LYS B 97 -10.49 15.53 -12.61
CA LYS B 97 -11.94 15.31 -12.56
C LYS B 97 -12.40 14.39 -13.69
N ILE B 98 -11.84 14.56 -14.89
CA ILE B 98 -12.24 13.72 -16.01
C ILE B 98 -11.80 12.27 -15.81
N ALA B 99 -10.74 12.05 -15.03
CA ALA B 99 -10.26 10.69 -14.81
C ALA B 99 -11.28 9.85 -14.06
N HIS B 100 -12.07 10.48 -13.18
CA HIS B 100 -13.12 9.75 -12.49
C HIS B 100 -14.18 9.26 -13.45
N GLY B 101 -14.35 9.94 -14.59
CA GLY B 101 -15.24 9.43 -15.62
C GLY B 101 -14.68 8.23 -16.33
N LEU B 102 -13.34 8.07 -16.33
CA LEU B 102 -12.74 6.88 -16.92
C LEU B 102 -13.08 5.63 -16.11
N MET B 103 -13.19 5.79 -14.79
CA MET B 103 -13.31 4.67 -13.87
C MET B 103 -14.66 4.62 -13.18
N ALA B 104 -15.67 5.30 -13.73
CA ALA B 104 -16.99 5.27 -13.13
C ALA B 104 -17.58 3.87 -13.21
N ASP B 105 -18.13 3.41 -12.08
CA ASP B 105 -18.81 2.13 -11.93
C ASP B 105 -17.86 0.94 -11.98
N LEU B 106 -16.58 1.16 -11.65
CA LEU B 106 -15.64 0.04 -11.53
C LEU B 106 -16.12 -0.98 -10.50
N GLU B 107 -16.83 -0.53 -9.46
CA GLU B 107 -17.22 -1.38 -8.34
C GLU B 107 -18.53 -2.10 -8.56
N LYS B 108 -19.12 -1.99 -9.76
CA LYS B 108 -20.44 -2.55 -10.03
C LYS B 108 -20.36 -3.68 -11.05
N GLU B 109 -19.22 -4.39 -11.08
CA GLU B 109 -19.05 -5.58 -11.91
C GLU B 109 -19.37 -5.29 -13.37
N THR B 110 -18.76 -4.22 -13.88
CA THR B 110 -18.94 -3.76 -15.25
C THR B 110 -17.85 -4.23 -16.20
N VAL B 111 -16.68 -4.63 -15.68
CA VAL B 111 -15.57 -5.06 -16.50
C VAL B 111 -14.93 -6.29 -15.88
N ASP B 112 -14.19 -7.04 -16.69
CA ASP B 112 -13.48 -8.21 -16.23
C ASP B 112 -12.17 -7.79 -15.54
N PHE B 113 -11.87 -8.45 -14.44
CA PHE B 113 -10.59 -8.29 -13.74
C PHE B 113 -9.68 -9.46 -14.05
N VAL B 114 -8.37 -9.20 -14.03
CA VAL B 114 -7.37 -10.23 -14.23
C VAL B 114 -6.39 -10.19 -13.05
N ASP B 115 -5.55 -11.22 -12.96
CA ASP B 115 -4.59 -11.29 -11.88
C ASP B 115 -3.42 -10.35 -12.14
N ASN B 116 -2.77 -9.96 -11.04
CA ASN B 116 -1.54 -9.18 -11.11
C ASN B 116 -0.36 -10.13 -11.31
N TYR B 117 0.86 -9.61 -11.16
CA TYR B 117 2.04 -10.40 -11.50
C TYR B 117 2.21 -11.60 -10.58
N ASP B 118 1.73 -11.52 -9.34
CA ASP B 118 1.91 -12.62 -8.39
C ASP B 118 0.60 -13.26 -7.94
N GLY B 119 -0.54 -12.87 -8.51
CA GLY B 119 -1.79 -13.51 -8.18
C GLY B 119 -2.32 -13.22 -6.79
N THR B 120 -1.93 -12.10 -6.20
CA THR B 120 -2.48 -11.67 -4.92
C THR B 120 -3.38 -10.46 -5.02
N GLU B 121 -3.44 -9.81 -6.18
CA GLU B 121 -4.30 -8.64 -6.38
C GLU B 121 -5.06 -8.81 -7.69
N LYS B 122 -6.18 -8.11 -7.80
CA LYS B 122 -6.95 -8.06 -9.03
C LYS B 122 -6.82 -6.68 -9.65
N ILE B 123 -6.90 -6.63 -10.97
CA ILE B 123 -6.73 -5.39 -11.73
C ILE B 123 -7.69 -5.43 -12.91
N PRO B 124 -8.34 -4.33 -13.27
CA PRO B 124 -9.26 -4.36 -14.41
C PRO B 124 -8.54 -4.57 -15.74
N ASP B 125 -9.16 -5.39 -16.59
CA ASP B 125 -8.67 -5.61 -17.94
C ASP B 125 -8.88 -4.38 -18.81
N VAL B 126 -9.90 -3.58 -18.49
CA VAL B 126 -10.22 -2.37 -19.23
C VAL B 126 -11.06 -1.50 -18.31
N MET B 127 -11.05 -0.17 -18.55
CA MET B 127 -11.80 0.72 -17.68
C MET B 127 -13.22 0.92 -18.22
N PRO B 128 -14.23 1.03 -17.33
CA PRO B 128 -15.62 1.26 -17.76
C PRO B 128 -15.91 2.72 -18.12
N THR B 129 -15.12 3.25 -19.07
CA THR B 129 -15.04 4.70 -19.26
C THR B 129 -16.27 5.27 -19.94
N LYS B 130 -16.74 6.41 -19.43
CA LYS B 130 -17.70 7.26 -20.12
C LYS B 130 -17.04 8.26 -21.05
N ILE B 131 -15.72 8.30 -21.07
CA ILE B 131 -14.96 9.22 -21.93
C ILE B 131 -14.40 8.43 -23.10
N PRO B 132 -14.58 8.88 -24.34
CA PRO B 132 -13.94 8.24 -25.51
C PRO B 132 -12.47 8.65 -25.60
N ASN B 133 -11.65 7.99 -24.77
CA ASN B 133 -10.34 8.52 -24.42
C ASN B 133 -9.29 8.27 -25.50
N LEU B 134 -9.43 7.19 -26.27
CA LEU B 134 -8.48 6.91 -27.35
C LEU B 134 -8.41 8.08 -28.33
N LEU B 135 -9.55 8.48 -28.87
CA LEU B 135 -9.58 9.57 -29.84
C LEU B 135 -9.19 10.89 -29.20
N VAL B 136 -9.67 11.13 -27.97
CA VAL B 136 -9.66 12.48 -27.41
C VAL B 136 -8.27 12.84 -26.88
N ASN B 137 -7.53 11.87 -26.33
CA ASN B 137 -6.16 12.12 -25.89
C ASN B 137 -5.12 11.50 -26.80
N GLY B 138 -5.48 10.50 -27.60
CA GLY B 138 -4.56 9.93 -28.57
C GLY B 138 -3.62 8.92 -27.98
N SER B 139 -2.64 8.52 -28.81
CA SER B 139 -1.53 7.69 -28.38
C SER B 139 -0.45 7.79 -29.45
N SER B 140 0.73 8.27 -29.07
CA SER B 140 1.82 8.47 -30.02
C SER B 140 2.81 7.30 -29.99
N ALA B 147 3.25 -0.59 -34.38
CA ALA B 147 3.26 0.75 -33.82
C ALA B 147 1.99 1.53 -34.20
N THR B 148 1.57 2.43 -33.34
CA THR B 148 0.39 3.24 -33.54
C THR B 148 0.74 4.72 -33.37
N ASN B 149 -0.08 5.59 -33.96
CA ASN B 149 0.14 7.03 -33.85
C ASN B 149 -1.21 7.74 -34.09
N ILE B 150 -1.99 7.85 -33.03
CA ILE B 150 -3.32 8.45 -33.08
C ILE B 150 -3.24 9.84 -32.47
N PRO B 151 -3.75 10.88 -33.14
CA PRO B 151 -3.66 12.23 -32.60
C PRO B 151 -4.86 12.56 -31.75
N PRO B 152 -4.77 13.59 -30.90
CA PRO B 152 -5.91 13.94 -30.04
C PRO B 152 -7.02 14.62 -30.81
N HIS B 153 -8.17 14.73 -30.14
CA HIS B 153 -9.37 15.30 -30.74
C HIS B 153 -10.12 16.11 -29.69
N ASN B 154 -11.05 16.93 -30.18
CA ASN B 154 -11.89 17.75 -29.31
C ASN B 154 -13.03 16.91 -28.74
N LEU B 155 -13.26 17.06 -27.42
CA LEU B 155 -14.23 16.19 -26.75
C LEU B 155 -15.65 16.48 -27.22
N THR B 156 -15.99 17.77 -27.35
CA THR B 156 -17.33 18.13 -27.80
C THR B 156 -17.63 17.52 -29.17
N GLU B 157 -16.63 17.53 -30.06
CA GLU B 157 -16.83 17.01 -31.40
C GLU B 157 -16.98 15.49 -31.38
N VAL B 158 -16.17 14.81 -30.57
CA VAL B 158 -16.21 13.35 -30.57
C VAL B 158 -17.50 12.84 -29.94
N ILE B 159 -17.97 13.52 -28.90
CA ILE B 159 -19.27 13.16 -28.32
C ILE B 159 -20.36 13.27 -29.37
N ASN B 160 -20.35 14.38 -30.12
CA ASN B 160 -21.38 14.60 -31.13
C ASN B 160 -21.33 13.52 -32.21
N GLY B 161 -20.12 13.10 -32.59
CA GLY B 161 -20.00 12.02 -33.55
C GLY B 161 -20.55 10.70 -33.02
N CYS B 162 -20.31 10.42 -31.73
CA CYS B 162 -20.87 9.23 -31.12
C CYS B 162 -22.39 9.27 -31.12
N LEU B 163 -22.96 10.45 -30.84
CA LEU B 163 -24.41 10.59 -30.81
C LEU B 163 -25.01 10.46 -32.20
N ALA B 164 -24.31 10.92 -33.23
CA ALA B 164 -24.77 10.73 -34.60
C ALA B 164 -24.72 9.26 -35.00
N TYR B 165 -23.72 8.51 -34.52
CA TYR B 165 -23.67 7.09 -34.79
C TYR B 165 -24.78 6.34 -34.08
N ILE B 166 -25.20 6.83 -32.91
CA ILE B 166 -26.30 6.18 -32.19
C ILE B 166 -27.61 6.45 -32.90
N ASP B 167 -27.76 7.63 -33.49
CA ASP B 167 -28.96 7.92 -34.28
C ASP B 167 -28.98 7.20 -35.61
N ASN B 168 -27.82 6.79 -36.14
CA ASN B 168 -27.77 6.10 -37.43
C ASN B 168 -26.45 5.34 -37.51
N GLU B 169 -26.51 4.03 -37.25
CA GLU B 169 -25.34 3.18 -37.36
C GLU B 169 -24.84 3.05 -38.79
N ASP B 170 -25.63 3.44 -39.78
CA ASP B 170 -25.22 3.41 -41.17
C ASP B 170 -24.60 4.72 -41.63
N ILE B 171 -24.20 5.58 -40.69
CA ILE B 171 -23.60 6.85 -41.05
C ILE B 171 -22.27 6.62 -41.76
N SER B 172 -21.95 7.52 -42.69
CA SER B 172 -20.72 7.41 -43.47
C SER B 172 -19.60 8.22 -42.83
N ILE B 173 -18.38 7.98 -43.31
CA ILE B 173 -17.22 8.77 -42.87
C ILE B 173 -17.48 10.25 -43.10
N GLU B 174 -18.00 10.59 -44.28
CA GLU B 174 -18.31 11.99 -44.59
C GLU B 174 -19.35 12.55 -43.63
N GLY B 175 -20.30 11.71 -43.20
CA GLY B 175 -21.29 12.16 -42.23
C GLY B 175 -20.70 12.35 -40.85
N LEU B 176 -19.79 11.46 -40.45
CA LEU B 176 -19.10 11.63 -39.17
C LEU B 176 -18.22 12.87 -39.17
N MET B 177 -17.72 13.27 -40.35
CA MET B 177 -16.81 14.40 -40.44
C MET B 177 -17.54 15.74 -40.42
N GLU B 178 -18.87 15.75 -40.50
CA GLU B 178 -19.60 16.97 -40.19
C GLU B 178 -19.45 17.34 -38.72
N HIS B 179 -19.31 16.33 -37.85
CA HIS B 179 -19.13 16.56 -36.43
C HIS B 179 -17.66 16.58 -36.02
N ILE B 180 -16.83 15.77 -36.66
CA ILE B 180 -15.42 15.66 -36.32
C ILE B 180 -14.58 16.05 -37.53
N PRO B 181 -14.29 17.34 -37.72
CA PRO B 181 -13.55 17.74 -38.93
C PRO B 181 -12.11 17.29 -38.94
N GLY B 182 -11.55 16.88 -37.81
CA GLY B 182 -10.17 16.48 -37.76
C GLY B 182 -9.59 16.53 -36.36
N PRO B 183 -8.28 16.34 -36.25
CA PRO B 183 -7.64 16.35 -34.93
C PRO B 183 -7.69 17.72 -34.29
N ASP B 184 -7.45 17.75 -32.98
CA ASP B 184 -7.39 18.97 -32.20
C ASP B 184 -6.28 18.82 -31.16
N PHE B 185 -5.15 19.47 -31.41
CA PHE B 185 -3.95 19.35 -30.59
C PHE B 185 -4.02 20.29 -29.40
N PRO B 186 -3.47 19.89 -28.25
CA PRO B 186 -3.50 20.79 -27.08
C PRO B 186 -2.68 22.04 -27.28
N THR B 187 -1.70 22.01 -28.17
CA THR B 187 -0.83 23.15 -28.45
C THR B 187 -1.38 24.05 -29.55
N ALA B 188 -2.64 23.88 -29.94
CA ALA B 188 -3.31 24.70 -30.95
C ALA B 188 -2.60 24.55 -32.29
N ALA B 189 -2.28 25.68 -32.92
CA ALA B 189 -1.61 25.74 -34.22
C ALA B 189 -2.60 25.44 -35.35
N ILE B 190 -2.09 25.03 -36.50
CA ILE B 190 -2.85 24.94 -37.74
C ILE B 190 -2.53 23.62 -38.43
N ILE B 191 -3.58 22.94 -38.92
CA ILE B 191 -3.44 21.81 -39.84
C ILE B 191 -3.65 22.33 -41.25
N ASN B 192 -2.75 21.97 -42.16
CA ASN B 192 -2.75 22.45 -43.53
C ASN B 192 -3.22 21.34 -44.46
N GLY B 193 -4.40 21.51 -45.04
CA GLY B 193 -4.90 20.52 -45.97
C GLY B 193 -5.81 19.49 -45.33
N ARG B 194 -6.94 19.21 -45.97
CA ARG B 194 -7.90 18.24 -45.46
C ARG B 194 -7.76 16.87 -46.12
N ARG B 195 -6.88 16.75 -47.11
CA ARG B 195 -6.76 15.50 -47.85
C ARG B 195 -6.33 14.35 -46.94
N GLY B 196 -5.26 14.55 -46.17
CA GLY B 196 -4.75 13.50 -45.32
C GLY B 196 -5.67 13.14 -44.17
N ILE B 197 -6.48 14.10 -43.71
CA ILE B 197 -7.45 13.81 -42.66
C ILE B 197 -8.47 12.79 -43.15
N GLU B 198 -9.10 13.05 -44.30
CA GLU B 198 -10.11 12.14 -44.83
C GLU B 198 -9.50 10.78 -45.15
N GLU B 199 -8.28 10.76 -45.68
CA GLU B 199 -7.61 9.49 -45.95
C GLU B 199 -7.41 8.69 -44.67
N ALA B 200 -7.02 9.37 -43.59
CA ALA B 200 -6.82 8.66 -42.32
C ALA B 200 -8.15 8.21 -41.73
N TYR B 201 -9.18 9.05 -41.80
CA TYR B 201 -10.45 8.68 -41.18
C TYR B 201 -11.15 7.56 -41.94
N ARG B 202 -10.87 7.42 -43.24
CA ARG B 202 -11.51 6.38 -44.05
C ARG B 202 -10.74 5.07 -44.03
N THR B 203 -9.40 5.12 -44.00
CA THR B 203 -8.59 3.92 -44.08
C THR B 203 -7.79 3.61 -42.83
N GLY B 204 -7.62 4.57 -41.92
CA GLY B 204 -6.77 4.40 -40.76
C GLY B 204 -5.39 4.97 -40.92
N ARG B 205 -4.99 5.35 -42.13
CA ARG B 205 -3.66 5.86 -42.40
C ARG B 205 -3.73 7.08 -43.28
N GLY B 206 -2.94 8.09 -42.92
CA GLY B 206 -2.90 9.34 -43.66
C GLY B 206 -1.87 10.29 -43.08
N LYS B 207 -1.39 11.23 -43.88
CA LYS B 207 -0.38 12.18 -43.47
C LYS B 207 -0.97 13.58 -43.43
N VAL B 208 -0.83 14.26 -42.30
CA VAL B 208 -1.25 15.65 -42.16
C VAL B 208 -0.03 16.48 -41.82
N TYR B 209 -0.12 17.77 -42.13
CA TYR B 209 0.95 18.73 -41.90
C TYR B 209 0.50 19.73 -40.85
N ILE B 210 1.24 19.83 -39.75
CA ILE B 210 0.96 20.79 -38.69
C ILE B 210 1.89 21.98 -38.87
N ARG B 211 1.31 23.18 -38.85
CA ARG B 211 2.02 24.40 -39.17
C ARG B 211 1.77 25.45 -38.09
N ALA B 212 2.84 26.14 -37.71
CA ALA B 212 2.77 27.11 -36.63
C ALA B 212 1.85 28.28 -37.00
N ARG B 213 1.37 28.97 -35.98
CA ARG B 213 0.64 30.22 -36.16
C ARG B 213 1.64 31.36 -36.06
N ALA B 214 1.94 31.98 -37.20
CA ALA B 214 2.93 33.04 -37.27
C ALA B 214 2.42 34.13 -38.21
N GLU B 215 2.73 35.38 -37.88
CA GLU B 215 2.26 36.52 -38.65
C GLU B 215 3.37 37.55 -38.79
N VAL B 216 3.45 38.16 -39.96
CA VAL B 216 4.38 39.25 -40.23
C VAL B 216 3.68 40.56 -39.90
N GLU B 217 4.21 41.29 -38.93
CA GLU B 217 3.76 42.64 -38.62
C GLU B 217 4.84 43.64 -39.03
N ALA B 218 4.39 44.86 -39.31
CA ALA B 218 5.33 45.91 -39.76
C ALA B 218 5.11 47.18 -38.96
N ASP B 219 6.21 47.86 -38.60
CA ASP B 219 6.10 49.09 -37.79
C ASP B 219 5.54 50.22 -38.64
N ALA B 220 4.82 51.14 -38.02
CA ALA B 220 4.17 52.25 -38.75
C ALA B 220 5.24 53.34 -38.92
N LYS B 221 6.04 53.60 -37.89
CA LYS B 221 6.99 54.73 -37.97
C LYS B 221 8.33 54.29 -38.58
N THR B 222 8.72 53.02 -38.41
CA THR B 222 10.07 52.62 -38.87
C THR B 222 9.97 51.83 -40.19
N GLY B 223 8.89 51.08 -40.39
CA GLY B 223 8.75 50.26 -41.61
C GLY B 223 9.37 48.89 -41.44
N ARG B 224 9.88 48.59 -40.23
CA ARG B 224 10.54 47.32 -39.99
C ARG B 224 9.52 46.18 -39.91
N GLU B 225 9.94 44.99 -40.32
CA GLU B 225 9.10 43.81 -40.26
C GLU B 225 9.57 42.89 -39.14
N THR B 226 8.62 42.39 -38.37
CA THR B 226 8.87 41.42 -37.30
C THR B 226 7.97 40.21 -37.51
N ILE B 227 8.55 39.02 -37.40
CA ILE B 227 7.77 37.79 -37.40
C ILE B 227 7.48 37.40 -35.94
N ILE B 228 6.21 37.15 -35.64
CA ILE B 228 5.75 36.80 -34.31
C ILE B 228 5.11 35.42 -34.38
N VAL B 229 5.63 34.49 -33.59
CA VAL B 229 5.12 33.13 -33.53
C VAL B 229 4.28 33.00 -32.27
N HIS B 230 3.01 32.64 -32.44
CA HIS B 230 2.06 32.52 -31.34
C HIS B 230 1.86 31.09 -30.87
N GLU B 231 1.94 30.12 -31.78
CA GLU B 231 1.66 28.73 -31.49
C GLU B 231 2.55 27.86 -32.36
N ILE B 232 2.94 26.70 -31.86
CA ILE B 232 3.86 25.82 -32.59
C ILE B 232 3.24 24.42 -32.66
N PRO B 233 3.74 23.58 -33.56
CA PRO B 233 3.13 22.25 -33.74
C PRO B 233 3.26 21.36 -32.51
N TYR B 234 2.30 20.43 -32.41
CA TYR B 234 2.29 19.42 -31.37
C TYR B 234 3.61 18.64 -31.37
N GLN B 235 4.17 18.45 -30.17
CA GLN B 235 5.33 17.63 -29.87
C GLN B 235 6.63 18.28 -30.31
N VAL B 236 6.65 19.59 -30.54
CA VAL B 236 7.86 20.32 -30.90
C VAL B 236 8.39 21.04 -29.67
N ASN B 237 9.67 20.83 -29.38
CA ASN B 237 10.34 21.51 -28.28
C ASN B 237 10.68 22.94 -28.69
N LYS B 238 10.19 23.92 -27.91
CA LYS B 238 10.36 25.31 -28.31
C LYS B 238 11.81 25.76 -28.22
N ALA B 239 12.58 25.22 -27.25
CA ALA B 239 13.97 25.63 -27.10
C ALA B 239 14.86 25.05 -28.18
N ARG B 240 14.68 23.76 -28.50
CA ARG B 240 15.39 23.16 -29.63
C ARG B 240 15.11 23.94 -30.91
N LEU B 241 13.84 24.31 -31.11
CA LEU B 241 13.47 25.03 -32.33
C LEU B 241 14.21 26.36 -32.43
N ILE B 242 14.32 27.09 -31.33
CA ILE B 242 15.03 28.36 -31.35
C ILE B 242 16.53 28.14 -31.54
N GLU B 243 17.06 27.05 -30.98
CA GLU B 243 18.46 26.74 -31.20
C GLU B 243 18.72 26.41 -32.66
N LYS B 244 17.76 25.76 -33.32
CA LYS B 244 17.93 25.41 -34.74
C LYS B 244 17.87 26.66 -35.62
N ILE B 245 16.91 27.55 -35.36
CA ILE B 245 16.83 28.79 -36.13
C ILE B 245 18.13 29.58 -36.00
N ALA B 246 18.70 29.63 -34.80
CA ALA B 246 19.99 30.30 -34.63
C ALA B 246 21.09 29.56 -35.38
N GLU B 247 21.08 28.22 -35.33
CA GLU B 247 22.10 27.45 -36.02
C GLU B 247 22.05 27.69 -37.53
N LEU B 248 20.85 27.86 -38.08
CA LEU B 248 20.72 28.09 -39.51
C LEU B 248 21.16 29.49 -39.90
N VAL B 249 20.95 30.48 -39.02
CA VAL B 249 21.36 31.84 -39.32
C VAL B 249 22.88 31.97 -39.25
N LYS B 250 23.52 31.22 -38.34
CA LYS B 250 24.98 31.28 -38.24
C LYS B 250 25.66 30.59 -39.41
N ASP B 251 25.08 29.50 -39.91
CA ASP B 251 25.62 28.80 -41.07
C ASP B 251 25.09 29.36 -42.39
N LYS B 252 24.38 30.49 -42.34
CA LYS B 252 23.92 31.25 -43.50
C LYS B 252 22.94 30.47 -44.37
N ARG B 253 22.35 29.39 -43.85
CA ARG B 253 21.35 28.65 -44.61
C ARG B 253 20.00 29.35 -44.63
N VAL B 254 19.76 30.27 -43.71
CA VAL B 254 18.61 31.15 -43.73
C VAL B 254 19.12 32.58 -43.63
N GLU B 255 18.54 33.48 -44.42
CA GLU B 255 18.95 34.87 -44.46
C GLU B 255 17.78 35.76 -44.08
N GLY B 256 18.10 37.01 -43.75
CA GLY B 256 17.11 38.01 -43.46
C GLY B 256 16.75 38.19 -41.99
N ILE B 257 17.41 37.46 -41.09
CA ILE B 257 17.11 37.55 -39.66
C ILE B 257 18.20 38.37 -38.97
N SER B 258 17.78 39.43 -38.28
CA SER B 258 18.70 40.28 -37.54
C SER B 258 18.65 40.04 -36.03
N ALA B 259 17.58 39.44 -35.53
CA ALA B 259 17.44 39.19 -34.10
C ALA B 259 16.49 38.03 -33.88
N LEU B 260 16.60 37.42 -32.71
CA LEU B 260 15.83 36.23 -32.36
C LEU B 260 15.71 36.19 -30.84
N ARG B 261 14.49 36.07 -30.33
CA ARG B 261 14.25 36.34 -28.92
C ARG B 261 12.95 35.67 -28.49
N ASP B 262 13.02 34.83 -27.46
CA ASP B 262 11.83 34.17 -26.90
C ASP B 262 11.28 35.07 -25.80
N GLU B 263 10.07 35.61 -26.01
CA GLU B 263 9.43 36.48 -25.04
C GLU B 263 8.21 35.81 -24.39
N SER B 264 8.18 34.48 -24.34
CA SER B 264 7.02 33.78 -23.81
C SER B 264 6.90 33.99 -22.31
N ASP B 265 5.67 34.08 -21.83
CA ASP B 265 5.42 34.36 -20.42
C ASP B 265 4.22 33.54 -19.97
N LYS B 266 3.58 34.01 -18.89
CA LYS B 266 2.33 33.43 -18.40
C LYS B 266 1.13 33.87 -19.23
N ASP B 267 1.28 34.91 -20.07
CA ASP B 267 0.22 35.38 -20.96
C ASP B 267 0.18 34.63 -22.29
N GLY B 268 1.11 33.69 -22.52
CA GLY B 268 1.14 32.90 -23.72
C GLY B 268 2.52 32.85 -24.33
N MET B 269 2.62 32.09 -25.42
CA MET B 269 3.86 31.94 -26.16
C MET B 269 4.08 33.12 -27.10
N ARG B 270 5.34 33.52 -27.26
CA ARG B 270 5.66 34.66 -28.13
C ARG B 270 7.14 34.57 -28.51
N ILE B 271 7.40 34.13 -29.75
CA ILE B 271 8.74 34.11 -30.32
C ILE B 271 8.86 35.24 -31.32
N VAL B 272 9.93 36.02 -31.20
CA VAL B 272 10.13 37.24 -31.98
C VAL B 272 11.30 37.02 -32.93
N ILE B 273 11.09 37.28 -34.22
CA ILE B 273 12.12 37.17 -35.25
C ILE B 273 12.12 38.46 -36.04
N GLU B 274 13.09 39.34 -35.75
CA GLU B 274 13.17 40.62 -36.46
C GLU B 274 13.81 40.43 -37.84
N VAL B 275 13.19 41.02 -38.85
CA VAL B 275 13.60 40.86 -40.24
C VAL B 275 14.47 42.04 -40.66
N LYS B 276 15.53 41.73 -41.41
CA LYS B 276 16.40 42.81 -41.94
C LYS B 276 15.61 43.63 -42.96
N ARG B 277 16.02 44.87 -43.19
CA ARG B 277 15.26 45.76 -44.11
C ARG B 277 15.54 45.36 -45.56
N ASP B 278 16.65 44.69 -45.82
CA ASP B 278 16.95 44.21 -47.19
C ASP B 278 16.16 42.93 -47.47
N ALA B 279 15.37 42.47 -46.50
CA ALA B 279 14.68 41.18 -46.69
C ALA B 279 13.17 41.36 -46.63
N VAL B 280 12.45 40.39 -47.17
CA VAL B 280 10.98 40.45 -47.17
C VAL B 280 10.47 39.45 -46.14
N GLY B 281 9.57 39.91 -45.28
CA GLY B 281 9.11 39.08 -44.17
C GLY B 281 8.50 37.77 -44.62
N GLU B 282 7.68 37.81 -45.66
CA GLU B 282 6.96 36.62 -46.09
C GLU B 282 7.91 35.57 -46.67
N VAL B 283 8.99 36.00 -47.32
CA VAL B 283 9.94 35.04 -47.88
C VAL B 283 10.70 34.33 -46.77
N VAL B 284 11.08 35.08 -45.72
CA VAL B 284 11.84 34.51 -44.62
C VAL B 284 11.00 33.50 -43.86
N LEU B 285 9.73 33.85 -43.59
CA LEU B 285 8.84 32.95 -42.87
C LEU B 285 8.61 31.66 -43.65
N ASN B 286 8.39 31.77 -44.97
CA ASN B 286 8.27 30.59 -45.81
C ASN B 286 9.54 29.73 -45.74
N ASN B 287 10.70 30.40 -45.71
CA ASN B 287 11.97 29.69 -45.61
C ASN B 287 12.03 28.90 -44.31
N LEU B 288 11.48 29.45 -43.23
CA LEU B 288 11.54 28.80 -41.93
C LEU B 288 10.63 27.57 -41.88
N TYR B 289 9.41 27.71 -42.42
CA TYR B 289 8.48 26.58 -42.49
C TYR B 289 9.11 25.38 -43.19
N SER B 290 10.03 25.62 -44.12
CA SER B 290 10.61 24.57 -44.94
C SER B 290 11.84 23.92 -44.32
N GLN B 291 12.51 24.58 -43.37
CA GLN B 291 13.76 24.09 -42.83
C GLN B 291 13.74 23.86 -41.32
N THR B 292 12.63 24.17 -40.65
CA THR B 292 12.53 24.02 -39.21
C THR B 292 11.23 23.30 -38.86
N GLN B 293 11.05 23.06 -37.56
CA GLN B 293 9.85 22.42 -37.05
C GLN B 293 8.70 23.40 -36.83
N LEU B 294 8.84 24.62 -37.35
CA LEU B 294 7.67 25.49 -37.49
C LEU B 294 6.60 24.86 -38.37
N GLN B 295 6.97 23.84 -39.16
CA GLN B 295 6.03 22.94 -39.80
C GLN B 295 6.57 21.52 -39.70
N VAL B 296 5.69 20.57 -39.40
CA VAL B 296 6.05 19.16 -39.33
C VAL B 296 4.96 18.33 -40.00
N SER B 297 5.30 17.09 -40.30
CA SER B 297 4.32 16.10 -40.75
C SER B 297 3.98 15.16 -39.61
N PHE B 298 2.73 14.68 -39.61
CA PHE B 298 2.22 13.77 -38.59
C PHE B 298 1.57 12.61 -39.31
N GLY B 299 2.18 11.42 -39.22
CA GLY B 299 1.62 10.26 -39.87
C GLY B 299 0.61 9.54 -39.00
N ILE B 300 -0.67 9.67 -39.36
CA ILE B 300 -1.74 9.03 -38.60
C ILE B 300 -1.76 7.54 -38.93
N ASN B 301 -1.70 6.71 -37.89
CA ASN B 301 -1.66 5.25 -38.05
C ASN B 301 -2.45 4.65 -36.89
N MET B 302 -3.75 4.50 -37.10
CA MET B 302 -4.71 4.22 -36.02
C MET B 302 -4.79 2.72 -35.79
N VAL B 303 -3.87 2.22 -34.98
CA VAL B 303 -3.82 0.81 -34.61
C VAL B 303 -4.11 0.70 -33.12
N ALA B 304 -5.00 -0.22 -32.75
CA ALA B 304 -5.34 -0.42 -31.35
C ALA B 304 -5.78 -1.86 -31.14
N LEU B 305 -5.84 -2.27 -29.88
CA LEU B 305 -6.24 -3.62 -29.51
C LEU B 305 -7.76 -3.73 -29.55
N HIS B 306 -8.26 -4.60 -30.41
CA HIS B 306 -9.69 -4.80 -30.60
C HIS B 306 -9.95 -6.30 -30.57
N HIS B 307 -10.83 -6.73 -29.65
CA HIS B 307 -11.04 -8.15 -29.36
C HIS B 307 -9.70 -8.88 -29.19
N GLY B 308 -8.80 -8.26 -28.42
CA GLY B 308 -7.54 -8.86 -28.09
C GLY B 308 -6.54 -8.98 -29.21
N GLN B 309 -6.77 -8.34 -30.35
CA GLN B 309 -5.89 -8.44 -31.49
C GLN B 309 -5.56 -7.06 -32.04
N PRO B 310 -4.36 -6.86 -32.56
CA PRO B 310 -4.05 -5.59 -33.23
C PRO B 310 -4.86 -5.44 -34.50
N LYS B 311 -5.40 -4.24 -34.72
CA LYS B 311 -6.18 -3.96 -35.92
C LYS B 311 -6.00 -2.51 -36.32
N ILE B 312 -5.78 -2.30 -37.62
CA ILE B 312 -5.93 -0.97 -38.19
C ILE B 312 -7.41 -0.63 -38.23
N MET B 313 -7.74 0.59 -37.82
CA MET B 313 -9.14 0.94 -37.61
C MET B 313 -9.43 2.34 -38.13
N ASN B 314 -10.50 2.48 -38.92
CA ASN B 314 -10.89 3.81 -39.36
C ASN B 314 -11.78 4.46 -38.29
N LEU B 315 -12.20 5.70 -38.57
CA LEU B 315 -12.87 6.51 -37.55
C LEU B 315 -14.19 5.88 -37.11
N LYS B 316 -14.93 5.29 -38.05
CA LYS B 316 -16.20 4.66 -37.68
C LYS B 316 -15.97 3.41 -36.85
N ASP B 317 -14.92 2.64 -37.18
CA ASP B 317 -14.58 1.47 -36.38
C ASP B 317 -14.36 1.84 -34.92
N ILE B 318 -13.63 2.94 -34.69
CA ILE B 318 -13.28 3.33 -33.33
C ILE B 318 -14.52 3.77 -32.57
N ILE B 319 -15.34 4.60 -33.20
CA ILE B 319 -16.54 5.12 -32.54
C ILE B 319 -17.52 3.99 -32.26
N SER B 320 -17.65 3.04 -33.19
CA SER B 320 -18.53 1.90 -32.97
C SER B 320 -18.04 1.04 -31.82
N ALA B 321 -16.72 0.87 -31.69
CA ALA B 321 -16.18 0.06 -30.60
C ALA B 321 -16.47 0.70 -29.25
N PHE B 322 -16.41 2.03 -29.18
CA PHE B 322 -16.67 2.72 -27.93
C PHE B 322 -18.15 2.60 -27.53
N VAL B 323 -19.05 2.82 -28.49
CA VAL B 323 -20.49 2.72 -28.22
C VAL B 323 -20.85 1.29 -27.82
N ARG B 324 -20.26 0.29 -28.47
CA ARG B 324 -20.49 -1.09 -28.09
C ARG B 324 -19.99 -1.34 -26.67
N HIS B 325 -18.88 -0.71 -26.30
CA HIS B 325 -18.37 -0.84 -24.94
C HIS B 325 -19.35 -0.26 -23.93
N ARG B 326 -19.94 0.89 -24.27
CA ARG B 326 -20.91 1.52 -23.37
C ARG B 326 -22.15 0.65 -23.22
N ARG B 327 -22.59 0.02 -24.32
CA ARG B 327 -23.74 -0.87 -24.24
C ARG B 327 -23.51 -2.00 -23.25
N GLU B 328 -22.31 -2.59 -23.27
CA GLU B 328 -22.01 -3.72 -22.40
C GLU B 328 -21.84 -3.28 -20.95
N VAL B 329 -21.24 -2.12 -20.73
CA VAL B 329 -20.99 -1.66 -19.37
C VAL B 329 -22.29 -1.29 -18.68
N VAL B 330 -23.19 -0.62 -19.40
CA VAL B 330 -24.45 -0.22 -18.78
C VAL B 330 -25.33 -1.43 -18.54
N THR B 331 -25.32 -2.38 -19.47
CA THR B 331 -26.07 -3.62 -19.27
C THR B 331 -25.59 -4.34 -18.02
N ARG B 332 -24.27 -4.48 -17.86
CA ARG B 332 -23.73 -5.18 -16.70
C ARG B 332 -23.96 -4.40 -15.42
N ARG B 333 -23.88 -3.06 -15.50
CA ARG B 333 -24.14 -2.23 -14.34
C ARG B 333 -25.58 -2.38 -13.87
N THR B 334 -26.52 -2.42 -14.83
CA THR B 334 -27.93 -2.53 -14.49
C THR B 334 -28.23 -3.88 -13.86
N ILE B 335 -27.58 -4.94 -14.33
CA ILE B 335 -27.72 -6.26 -13.71
C ILE B 335 -27.27 -6.21 -12.26
N PHE B 336 -26.10 -5.60 -12.02
CA PHE B 336 -25.56 -5.52 -10.67
C PHE B 336 -26.49 -4.71 -9.77
N GLU B 337 -26.93 -3.54 -10.25
CA GLU B 337 -27.78 -2.67 -9.43
C GLU B 337 -29.13 -3.32 -9.13
N LEU B 338 -29.62 -4.17 -10.03
CA LEU B 338 -30.92 -4.82 -9.81
C LEU B 338 -30.84 -5.90 -8.75
N ARG B 339 -29.77 -6.71 -8.78
CA ARG B 339 -29.59 -7.72 -7.73
C ARG B 339 -29.36 -7.07 -6.39
N LYS B 340 -28.58 -5.98 -6.36
CA LYS B 340 -28.33 -5.26 -5.11
C LYS B 340 -29.63 -4.66 -4.57
N ALA B 341 -30.49 -4.17 -5.45
CA ALA B 341 -31.75 -3.56 -5.01
C ALA B 341 -32.75 -4.58 -4.51
N ARG B 342 -32.71 -5.80 -5.05
CA ARG B 342 -33.63 -6.84 -4.58
C ARG B 342 -33.20 -7.38 -3.22
N ASP B 343 -31.89 -7.45 -2.98
CA ASP B 343 -31.40 -7.94 -1.69
C ASP B 343 -31.66 -6.92 -0.58
N ARG B 344 -31.59 -5.63 -0.89
CA ARG B 344 -31.91 -4.61 0.10
C ARG B 344 -33.41 -4.55 0.37
N ALA B 345 -34.23 -4.75 -0.67
CA ALA B 345 -35.67 -4.78 -0.47
C ALA B 345 -36.08 -6.01 0.34
N HIS B 346 -35.37 -7.12 0.17
CA HIS B 346 -35.63 -8.33 0.94
C HIS B 346 -35.40 -8.06 2.43
N ILE B 347 -34.28 -7.42 2.76
CA ILE B 347 -33.96 -7.11 4.15
C ILE B 347 -34.96 -6.12 4.72
N LEU B 348 -35.36 -5.13 3.93
CA LEU B 348 -36.19 -4.04 4.43
C LEU B 348 -37.58 -4.55 4.80
N GLU B 349 -38.12 -5.50 4.02
CA GLU B 349 -39.39 -6.11 4.37
C GLU B 349 -39.33 -6.74 5.76
N ALA B 350 -38.28 -7.53 6.03
CA ALA B 350 -38.13 -8.19 7.32
C ALA B 350 -38.05 -7.17 8.46
N LEU B 351 -37.28 -6.10 8.25
CA LEU B 351 -37.16 -5.08 9.28
C LEU B 351 -38.50 -4.41 9.53
N ALA B 352 -39.26 -4.15 8.47
CA ALA B 352 -40.53 -3.44 8.62
C ALA B 352 -41.55 -4.27 9.39
N ILE B 353 -41.57 -5.59 9.18
CA ILE B 353 -42.53 -6.41 9.91
C ILE B 353 -42.08 -6.56 11.36
N ALA B 354 -40.78 -6.52 11.64
CA ALA B 354 -40.30 -6.67 13.01
C ALA B 354 -40.60 -5.42 13.83
N LEU B 355 -40.38 -4.24 13.25
CA LEU B 355 -40.68 -2.99 13.94
C LEU B 355 -42.17 -2.81 14.18
N ALA B 356 -43.02 -3.51 13.42
CA ALA B 356 -44.46 -3.51 13.63
C ALA B 356 -44.87 -4.50 14.72
N ASN B 357 -44.26 -5.67 14.75
CA ASN B 357 -44.51 -6.66 15.81
C ASN B 357 -43.44 -6.59 16.88
N ILE B 358 -42.95 -5.39 17.21
CA ILE B 358 -41.74 -5.26 18.02
C ILE B 358 -41.93 -5.89 19.40
N ASP B 359 -43.13 -5.81 19.96
CA ASP B 359 -43.35 -6.31 21.32
C ASP B 359 -43.12 -7.81 21.41
N PRO B 360 -43.73 -8.65 20.57
CA PRO B 360 -43.42 -10.09 20.66
C PRO B 360 -42.02 -10.46 20.16
N ILE B 361 -41.36 -9.61 19.37
CA ILE B 361 -39.98 -9.91 18.99
C ILE B 361 -39.06 -9.81 20.20
N ILE B 362 -39.17 -8.70 20.95
CA ILE B 362 -38.31 -8.50 22.12
C ILE B 362 -38.51 -9.62 23.13
N GLU B 363 -39.77 -10.03 23.33
CA GLU B 363 -40.04 -11.11 24.26
C GLU B 363 -39.52 -12.44 23.74
N LEU B 364 -39.62 -12.67 22.42
CA LEU B 364 -39.10 -13.92 21.85
C LEU B 364 -37.60 -14.01 22.05
N ILE B 365 -36.88 -12.91 21.84
CA ILE B 365 -35.43 -12.92 21.92
C ILE B 365 -34.97 -13.00 23.37
N ARG B 366 -35.67 -12.30 24.27
CA ARG B 366 -35.27 -12.29 25.67
C ARG B 366 -35.33 -13.69 26.29
N ARG B 367 -36.24 -14.53 25.81
CA ARG B 367 -36.41 -15.87 26.33
C ARG B 367 -35.59 -16.92 25.59
N ALA B 368 -34.97 -16.56 24.47
CA ALA B 368 -33.99 -17.44 23.87
C ALA B 368 -32.70 -17.40 24.68
N PRO B 369 -32.04 -18.54 24.91
CA PRO B 369 -30.75 -18.51 25.60
C PRO B 369 -29.57 -18.18 24.70
N THR B 370 -29.70 -18.27 23.39
CA THR B 370 -28.61 -18.04 22.46
C THR B 370 -29.16 -17.41 21.19
N PRO B 371 -28.31 -16.69 20.44
CA PRO B 371 -28.80 -16.08 19.19
C PRO B 371 -29.27 -17.10 18.16
N ALA B 372 -28.66 -18.28 18.11
CA ALA B 372 -29.10 -19.29 17.14
C ALA B 372 -30.51 -19.76 17.44
N GLU B 373 -30.83 -19.97 18.72
CA GLU B 373 -32.16 -20.43 19.09
C GLU B 373 -33.20 -19.32 18.96
N ALA B 374 -32.80 -18.06 19.09
CA ALA B 374 -33.69 -16.97 18.72
C ALA B 374 -33.93 -16.93 17.21
N LYS B 375 -32.93 -17.35 16.42
CA LYS B 375 -33.08 -17.38 14.98
C LYS B 375 -34.01 -18.50 14.53
N ALA B 376 -33.82 -19.70 15.09
CA ALA B 376 -34.73 -20.81 14.77
C ALA B 376 -36.14 -20.53 15.27
N ALA B 377 -36.27 -19.66 16.27
CA ALA B 377 -37.60 -19.31 16.76
C ALA B 377 -38.26 -18.23 15.90
N LEU B 378 -37.45 -17.41 15.23
CA LEU B 378 -38.00 -16.35 14.39
C LEU B 378 -38.55 -16.91 13.08
N ILE B 379 -37.84 -17.87 12.48
CA ILE B 379 -38.25 -18.39 11.18
C ILE B 379 -39.45 -19.34 11.32
N SER B 380 -39.47 -20.15 12.37
CA SER B 380 -40.42 -21.25 12.46
C SER B 380 -41.86 -20.77 12.65
N ARG B 381 -42.06 -19.54 13.10
CA ARG B 381 -43.43 -19.08 13.19
C ARG B 381 -43.66 -17.94 12.20
N PRO B 382 -44.86 -17.84 11.64
CA PRO B 382 -45.18 -16.69 10.78
C PRO B 382 -45.47 -15.45 11.61
N TRP B 383 -45.52 -14.32 10.93
CA TRP B 383 -45.73 -13.04 11.58
C TRP B 383 -46.83 -12.27 10.88
N ASP B 384 -47.57 -11.49 11.66
CA ASP B 384 -48.70 -10.74 11.14
C ASP B 384 -48.21 -9.52 10.35
N LEU B 385 -48.90 -9.26 9.24
CA LEU B 385 -48.50 -8.16 8.37
C LEU B 385 -48.74 -6.80 9.00
N GLY B 386 -49.66 -6.71 9.96
CA GLY B 386 -49.83 -5.47 10.72
C GLY B 386 -50.19 -4.28 9.86
N ASN B 387 -49.78 -3.09 10.32
CA ASN B 387 -49.99 -1.85 9.58
C ASN B 387 -49.07 -1.71 8.36
N VAL B 388 -48.24 -2.70 8.07
CA VAL B 388 -47.32 -2.56 6.95
C VAL B 388 -47.85 -3.25 5.69
N ALA B 389 -48.93 -4.03 5.83
CA ALA B 389 -49.46 -4.84 4.73
C ALA B 389 -49.75 -4.05 3.45
N ALA B 390 -49.98 -2.74 3.53
CA ALA B 390 -50.21 -1.98 2.30
C ALA B 390 -48.94 -1.89 1.48
N MET B 391 -47.81 -1.68 2.14
CA MET B 391 -46.54 -1.50 1.44
C MET B 391 -46.09 -2.78 0.70
N LEU B 392 -46.30 -3.96 1.29
CA LEU B 392 -45.87 -5.21 0.62
C LEU B 392 -46.72 -5.51 -0.61
N GLU B 393 -47.99 -5.13 -0.56
CA GLU B 393 -48.91 -5.40 -1.69
C GLU B 393 -48.59 -4.45 -2.86
N ARG B 394 -48.04 -3.27 -2.57
CA ARG B 394 -47.60 -2.37 -3.67
C ARG B 394 -46.59 -3.15 -4.49
N ALA B 395 -45.77 -3.96 -3.82
CA ALA B 395 -44.84 -4.84 -4.55
C ALA B 395 -45.61 -6.13 -4.86
N GLY B 396 -46.86 -6.01 -5.28
CA GLY B 396 -47.60 -7.20 -5.68
C GLY B 396 -46.93 -7.94 -6.82
N ASP B 397 -46.14 -7.19 -7.59
CA ASP B 397 -45.32 -7.86 -8.63
C ASP B 397 -44.23 -8.62 -7.89
N ASP B 398 -44.14 -9.93 -8.06
CA ASP B 398 -43.02 -10.64 -7.39
C ASP B 398 -41.77 -10.26 -8.19
N ALA B 399 -41.38 -8.98 -8.13
CA ALA B 399 -40.22 -8.49 -8.91
C ALA B 399 -39.14 -8.06 -7.92
N ALA B 400 -39.54 -7.34 -6.87
CA ALA B 400 -38.57 -6.93 -5.84
C ALA B 400 -37.99 -8.19 -5.20
N ARG B 401 -38.47 -9.36 -5.61
CA ARG B 401 -38.01 -10.59 -4.92
C ARG B 401 -36.71 -11.04 -5.55
N PRO B 402 -35.68 -11.39 -4.76
CA PRO B 402 -34.44 -11.91 -5.34
C PRO B 402 -34.66 -13.18 -6.14
N GLU B 403 -33.75 -13.45 -7.08
CA GLU B 403 -33.87 -14.57 -8.00
C GLU B 403 -33.45 -15.90 -7.38
N TRP B 404 -32.96 -15.90 -6.14
CA TRP B 404 -32.64 -17.15 -5.46
C TRP B 404 -33.70 -17.56 -4.46
N LEU B 405 -34.73 -16.75 -4.24
CA LEU B 405 -35.71 -16.99 -3.20
C LEU B 405 -36.69 -18.07 -3.63
N GLU B 406 -36.91 -19.04 -2.75
CA GLU B 406 -37.88 -20.10 -3.00
C GLU B 406 -39.30 -19.56 -2.83
N PRO B 407 -40.31 -20.22 -3.41
CA PRO B 407 -41.65 -19.62 -3.42
C PRO B 407 -42.35 -19.63 -2.06
N GLU B 408 -41.98 -20.54 -1.15
CA GLU B 408 -42.69 -20.63 0.13
C GLU B 408 -42.29 -19.53 1.10
N PHE B 409 -41.28 -18.74 0.79
CA PHE B 409 -40.88 -17.61 1.63
C PHE B 409 -41.60 -16.35 1.15
N GLY B 410 -41.98 -15.50 2.10
CA GLY B 410 -42.68 -14.26 1.80
C GLY B 410 -44.07 -14.25 2.41
N VAL B 411 -44.97 -13.54 1.74
CA VAL B 411 -46.37 -13.45 2.19
C VAL B 411 -47.10 -14.73 1.79
N ARG B 412 -47.91 -15.23 2.73
CA ARG B 412 -48.71 -16.45 2.49
C ARG B 412 -49.87 -16.45 3.47
N ASP B 413 -51.10 -16.27 2.97
CA ASP B 413 -52.31 -16.30 3.82
C ASP B 413 -52.21 -15.23 4.90
N GLY B 414 -51.83 -14.01 4.52
CA GLY B 414 -51.80 -12.89 5.49
C GLY B 414 -50.65 -13.03 6.46
N GLN B 415 -49.72 -13.95 6.20
CA GLN B 415 -48.60 -14.19 7.15
C GLN B 415 -47.26 -14.13 6.42
N TYR B 416 -46.21 -13.60 7.08
CA TYR B 416 -44.88 -13.51 6.50
C TYR B 416 -44.00 -14.62 7.03
N TYR B 417 -43.23 -15.25 6.14
CA TYR B 417 -42.35 -16.35 6.49
C TYR B 417 -40.91 -15.95 6.18
N LEU B 418 -40.13 -15.74 7.24
CA LEU B 418 -38.79 -15.18 7.13
C LEU B 418 -37.78 -16.25 6.74
N THR B 419 -36.74 -15.82 6.03
CA THR B 419 -35.60 -16.67 5.78
C THR B 419 -34.56 -16.48 6.89
N GLU B 420 -33.47 -17.24 6.81
CA GLU B 420 -32.43 -17.13 7.81
C GLU B 420 -31.76 -15.76 7.76
N GLN B 421 -31.44 -15.28 6.55
CA GLN B 421 -30.82 -13.96 6.41
C GLN B 421 -31.72 -12.88 7.01
N GLN B 422 -33.03 -12.97 6.77
CA GLN B 422 -33.96 -11.97 7.31
C GLN B 422 -33.97 -11.99 8.83
N ALA B 423 -33.87 -13.17 9.44
CA ALA B 423 -33.80 -13.26 10.89
C ALA B 423 -32.54 -12.59 11.41
N GLN B 424 -31.39 -12.86 10.77
CA GLN B 424 -30.13 -12.27 11.19
C GLN B 424 -30.21 -10.75 11.18
N ALA B 425 -30.79 -10.19 10.11
CA ALA B 425 -30.92 -8.74 10.01
C ALA B 425 -31.73 -8.17 11.17
N ILE B 426 -32.73 -8.92 11.63
CA ILE B 426 -33.49 -8.51 12.81
C ILE B 426 -32.64 -8.60 14.06
N LEU B 427 -31.88 -9.69 14.20
CA LEU B 427 -31.01 -9.84 15.36
C LEU B 427 -29.92 -8.78 15.37
N ASP B 428 -29.43 -8.39 14.20
CA ASP B 428 -28.42 -7.34 14.08
C ASP B 428 -28.99 -5.94 14.24
N LEU B 429 -30.30 -5.80 14.47
CA LEU B 429 -30.89 -4.47 14.54
C LEU B 429 -30.47 -3.76 15.81
N ARG B 430 -30.13 -2.48 15.69
CA ARG B 430 -29.73 -1.69 16.84
C ARG B 430 -30.93 -0.99 17.46
N LEU B 431 -30.80 -0.64 18.74
CA LEU B 431 -31.92 -0.05 19.46
C LEU B 431 -32.35 1.28 18.88
N GLN B 432 -31.40 2.04 18.31
CA GLN B 432 -31.73 3.36 17.78
C GLN B 432 -32.68 3.29 16.59
N LYS B 433 -32.84 2.11 15.99
CA LYS B 433 -33.82 1.93 14.92
C LYS B 433 -35.26 1.94 15.43
N LEU B 434 -35.46 1.86 16.74
CA LEU B 434 -36.79 1.86 17.34
C LEU B 434 -37.32 3.27 17.56
N THR B 435 -36.57 4.29 17.22
CA THR B 435 -37.04 5.66 17.23
C THR B 435 -38.09 5.84 16.13
N GLY B 436 -38.57 7.07 15.95
CA GLY B 436 -39.59 7.34 14.97
C GLY B 436 -39.06 7.79 13.62
N LEU B 437 -38.05 8.66 13.64
CA LEU B 437 -37.48 9.16 12.40
C LEU B 437 -36.62 8.13 11.69
N GLU B 438 -36.02 7.21 12.44
CA GLU B 438 -35.30 6.09 11.86
C GLU B 438 -36.24 4.94 11.52
N HIS B 439 -37.47 4.98 12.04
CA HIS B 439 -38.50 4.04 11.59
C HIS B 439 -38.94 4.38 10.17
N GLU B 440 -39.38 5.62 9.94
CA GLU B 440 -39.96 5.97 8.65
C GLU B 440 -38.89 6.06 7.56
N LYS B 441 -37.66 6.42 7.93
CA LYS B 441 -36.56 6.45 6.96
C LYS B 441 -36.46 5.14 6.19
N LEU B 442 -36.62 4.02 6.89
CA LEU B 442 -36.56 2.71 6.26
C LEU B 442 -37.82 2.37 5.48
N LEU B 443 -38.93 3.03 5.81
CA LEU B 443 -40.16 2.78 5.02
C LEU B 443 -40.01 3.44 3.65
N ASP B 444 -39.70 4.73 3.65
CA ASP B 444 -39.51 5.48 2.38
C ASP B 444 -38.47 4.74 1.52
N GLU B 445 -37.38 4.27 2.12
CA GLU B 445 -36.35 3.64 1.31
C GLU B 445 -36.91 2.47 0.50
N TYR B 446 -37.90 1.77 1.05
CA TYR B 446 -38.48 0.61 0.36
C TYR B 446 -39.29 1.05 -0.86
N LYS B 447 -40.07 2.13 -0.73
CA LYS B 447 -40.79 2.66 -1.89
C LYS B 447 -39.84 3.03 -3.02
N GLU B 448 -38.83 3.83 -2.71
CA GLU B 448 -37.88 4.28 -3.72
C GLU B 448 -37.20 3.10 -4.41
N LEU B 449 -36.97 2.02 -3.67
CA LEU B 449 -36.35 0.84 -4.25
C LEU B 449 -37.26 0.20 -5.30
N LEU B 450 -38.56 0.20 -5.05
CA LEU B 450 -39.52 -0.38 -6.00
C LEU B 450 -39.55 0.42 -7.29
N GLU B 451 -39.56 1.76 -7.17
CA GLU B 451 -39.44 2.62 -8.34
C GLU B 451 -38.16 2.30 -9.11
N GLN B 452 -37.04 2.21 -8.38
CA GLN B 452 -35.74 1.98 -9.01
C GLN B 452 -35.68 0.59 -9.64
N ILE B 453 -36.22 -0.42 -8.96
CA ILE B 453 -36.22 -1.78 -9.51
C ILE B 453 -36.99 -1.82 -10.82
N ALA B 454 -38.10 -1.10 -10.90
CA ALA B 454 -38.87 -1.06 -12.15
C ALA B 454 -38.07 -0.42 -13.27
N GLU B 455 -37.41 0.72 -12.98
CA GLU B 455 -36.63 1.42 -13.99
C GLU B 455 -35.50 0.55 -14.52
N LEU B 456 -34.89 -0.25 -13.65
CA LEU B 456 -33.80 -1.13 -14.07
C LEU B 456 -34.34 -2.28 -14.92
N LEU B 457 -35.53 -2.79 -14.58
CA LEU B 457 -36.12 -3.87 -15.36
C LEU B 457 -36.49 -3.40 -16.76
N HIS B 458 -36.92 -2.14 -16.87
CA HIS B 458 -37.25 -1.57 -18.17
C HIS B 458 -36.01 -1.46 -19.05
N ILE B 459 -34.89 -1.05 -18.46
CA ILE B 459 -33.64 -0.90 -19.21
C ILE B 459 -33.22 -2.24 -19.81
N LEU B 460 -33.27 -3.30 -19.00
CA LEU B 460 -32.89 -4.62 -19.47
C LEU B 460 -33.86 -5.17 -20.50
N GLY B 461 -35.10 -4.67 -20.53
CA GLY B 461 -36.06 -5.22 -21.47
C GLY B 461 -36.13 -4.51 -22.81
N SER B 462 -35.57 -3.30 -22.89
CA SER B 462 -35.80 -2.44 -24.05
C SER B 462 -34.47 -1.85 -24.53
N ALA B 463 -34.01 -2.29 -25.70
CA ALA B 463 -32.79 -1.75 -26.30
C ALA B 463 -32.89 -0.24 -26.49
N ASP B 464 -34.09 0.25 -26.83
CA ASP B 464 -34.26 1.68 -27.04
C ASP B 464 -34.02 2.47 -25.76
N ARG B 465 -34.49 1.95 -24.63
CA ARG B 465 -34.30 2.64 -23.35
C ARG B 465 -32.84 2.60 -22.92
N LEU B 466 -32.16 1.48 -23.19
CA LEU B 466 -30.74 1.37 -22.89
C LEU B 466 -29.94 2.48 -23.58
N MET B 467 -30.23 2.72 -24.86
CA MET B 467 -29.55 3.77 -25.60
C MET B 467 -29.94 5.16 -25.10
N GLU B 468 -31.05 5.27 -24.38
CA GLU B 468 -31.44 6.56 -23.81
C GLU B 468 -30.56 6.91 -22.61
N VAL B 469 -30.22 5.92 -21.80
CA VAL B 469 -29.29 6.14 -20.69
C VAL B 469 -27.94 6.59 -21.24
N ILE B 470 -27.44 5.90 -22.25
CA ILE B 470 -26.13 6.19 -22.82
C ILE B 470 -26.11 7.60 -23.39
N ARG B 471 -27.19 7.99 -24.09
CA ARG B 471 -27.27 9.34 -24.64
C ARG B 471 -27.18 10.39 -23.54
N GLU B 472 -27.93 10.20 -22.44
CA GLU B 472 -27.87 11.19 -21.36
C GLU B 472 -26.47 11.25 -20.75
N GLU B 473 -25.83 10.09 -20.58
CA GLU B 473 -24.46 10.07 -20.07
C GLU B 473 -23.54 10.87 -20.98
N MET B 474 -23.68 10.68 -22.29
CA MET B 474 -22.80 11.37 -23.24
C MET B 474 -23.02 12.87 -23.22
N GLU B 475 -24.27 13.30 -23.17
CA GLU B 475 -24.56 14.72 -23.10
C GLU B 475 -24.06 15.34 -21.80
N LEU B 476 -24.01 14.53 -20.73
CA LEU B 476 -23.45 15.00 -19.47
C LEU B 476 -21.94 15.21 -19.58
N ILE B 477 -21.24 14.24 -20.18
CA ILE B 477 -19.79 14.38 -20.39
C ILE B 477 -19.49 15.61 -21.22
N ARG B 478 -20.33 15.89 -22.23
CA ARG B 478 -20.10 17.06 -23.06
C ARG B 478 -20.29 18.36 -22.27
N ASP B 479 -21.29 18.37 -21.37
CA ASP B 479 -21.52 19.56 -20.54
C ASP B 479 -20.37 19.77 -19.56
N GLN B 480 -19.85 18.69 -18.98
CA GLN B 480 -18.88 18.82 -17.90
C GLN B 480 -17.48 19.16 -18.40
N PHE B 481 -17.07 18.58 -19.53
CA PHE B 481 -15.69 18.61 -19.94
C PHE B 481 -15.46 19.15 -21.35
N GLY B 482 -16.51 19.31 -22.15
CA GLY B 482 -16.33 19.82 -23.49
C GLY B 482 -15.81 21.25 -23.47
N ASP B 483 -14.95 21.56 -24.45
CA ASP B 483 -14.35 22.88 -24.55
C ASP B 483 -14.19 23.23 -26.03
N GLU B 484 -13.60 24.38 -26.27
CA GLU B 484 -13.53 24.92 -27.62
C GLU B 484 -12.37 24.31 -28.41
N ARG B 485 -12.53 24.28 -29.73
CA ARG B 485 -11.48 23.80 -30.62
C ARG B 485 -10.29 24.75 -30.59
N ARG B 486 -9.09 24.20 -30.54
CA ARG B 486 -7.87 25.00 -30.51
C ARG B 486 -7.14 25.05 -31.84
N THR B 487 -7.15 23.96 -32.61
CA THR B 487 -6.42 23.89 -33.87
C THR B 487 -7.31 24.30 -35.03
N GLU B 488 -6.84 25.25 -35.83
CA GLU B 488 -7.55 25.65 -37.05
C GLU B 488 -7.20 24.72 -38.20
N ILE B 489 -8.22 24.29 -38.96
CA ILE B 489 -8.04 23.49 -40.16
C ILE B 489 -8.30 24.35 -41.37
N THR B 490 -7.37 24.34 -42.33
CA THR B 490 -7.47 25.16 -43.53
C THR B 490 -7.39 24.30 -44.78
N ALA B 491 -7.82 24.88 -45.90
CA ALA B 491 -7.88 24.14 -47.19
C ALA B 491 -6.53 23.53 -47.58
N GLU B 492 -5.48 24.35 -47.74
CA GLU B 492 -4.11 23.87 -48.07
C GLU B 492 -3.25 25.08 -48.45
N LEU B 493 -1.93 24.90 -48.54
CA LEU B 493 -1.01 26.02 -48.85
C LEU B 493 0.27 25.46 -49.49
C CO3 C . 20.83 -6.13 12.22
O1 CO3 C . 22.00 -5.61 12.04
O2 CO3 C . 20.10 -6.45 11.18
O3 CO3 C . 20.36 -6.32 13.41
C CO3 D . -2.85 8.29 -22.72
O1 CO3 D . -2.41 8.40 -23.95
O2 CO3 D . -2.04 8.53 -21.73
O3 CO3 D . -4.08 7.93 -22.49
#